data_1JO6
#
_entry.id   1JO6
#
_cell.length_a   ?
_cell.length_b   ?
_cell.length_c   ?
_cell.angle_alpha   ?
_cell.angle_beta   ?
_cell.angle_gamma   ?
#
_entity_poly.entity_id   1
_entity_poly.type   'polypeptide(L)'
_entity_poly.pdbx_seq_one_letter_code
;MFIWTSGRTSSSYRHDEKRNIYQKIRDHDLLDKRKTVTALKAGED
;
_entity_poly.pdbx_strand_id   A
#
# COMPACT_ATOMS: atom_id res chain seq x y z
N MET A 1 2.89 5.89 -19.76
CA MET A 1 3.55 6.75 -20.73
C MET A 1 4.86 6.11 -21.21
N PHE A 2 4.90 5.81 -22.50
CA PHE A 2 6.09 5.22 -23.09
C PHE A 2 7.30 6.14 -22.96
N ILE A 3 8.36 5.77 -23.67
CA ILE A 3 9.58 6.56 -23.63
C ILE A 3 9.96 6.96 -25.05
N TRP A 4 10.56 8.14 -25.15
CA TRP A 4 10.97 8.66 -26.45
C TRP A 4 12.50 8.53 -26.55
N THR A 5 13.13 8.51 -25.39
CA THR A 5 14.59 8.39 -25.33
C THR A 5 15.01 6.95 -25.61
N SER A 6 15.94 6.48 -24.80
CA SER A 6 16.45 5.13 -24.95
C SER A 6 17.63 4.91 -24.00
N GLY A 7 17.40 4.05 -23.01
CA GLY A 7 18.43 3.74 -22.04
C GLY A 7 17.84 2.96 -20.85
N ARG A 8 17.10 1.92 -21.18
CA ARG A 8 16.48 1.09 -20.16
C ARG A 8 17.50 0.74 -19.08
N THR A 9 17.05 0.80 -17.84
CA THR A 9 17.90 0.49 -16.71
C THR A 9 17.37 -0.73 -15.95
N SER A 10 17.93 -0.94 -14.77
CA SER A 10 17.52 -2.07 -13.94
C SER A 10 16.20 -1.75 -13.24
N SER A 11 15.66 -2.76 -12.58
CA SER A 11 14.41 -2.60 -11.86
C SER A 11 14.58 -1.61 -10.71
N SER A 12 14.81 -2.17 -9.53
CA SER A 12 15.00 -1.35 -8.34
C SER A 12 13.68 -0.70 -7.93
N TYR A 13 12.62 -1.12 -8.61
CA TYR A 13 11.29 -0.60 -8.33
C TYR A 13 10.35 -1.72 -7.89
N ARG A 14 10.39 -2.81 -8.63
CA ARG A 14 9.54 -3.96 -8.32
C ARG A 14 10.33 -5.02 -7.55
N HIS A 15 11.64 -5.02 -7.80
CA HIS A 15 12.51 -5.98 -7.13
C HIS A 15 12.47 -5.75 -5.62
N ASP A 16 13.19 -4.73 -5.18
CA ASP A 16 13.25 -4.39 -3.77
C ASP A 16 11.87 -4.62 -3.15
N GLU A 17 11.88 -5.29 -2.00
CA GLU A 17 10.65 -5.58 -1.30
C GLU A 17 10.26 -4.40 -0.40
N LYS A 18 11.28 -3.66 0.03
CA LYS A 18 11.05 -2.51 0.89
C LYS A 18 10.63 -1.32 0.03
N ARG A 19 10.46 -1.58 -1.25
CA ARG A 19 10.06 -0.54 -2.18
C ARG A 19 8.56 -0.65 -2.50
N ASN A 20 8.00 -1.77 -2.09
CA ASN A 20 6.58 -2.02 -2.31
C ASN A 20 5.88 -2.27 -0.97
N ILE A 21 6.35 -1.53 0.04
CA ILE A 21 5.78 -1.66 1.37
C ILE A 21 4.97 -0.39 1.70
N TYR A 22 5.40 0.71 1.12
CA TYR A 22 4.72 1.98 1.33
C TYR A 22 3.24 1.88 1.01
N GLN A 23 2.96 1.24 -0.12
CA GLN A 23 1.58 1.05 -0.55
C GLN A 23 0.85 0.08 0.38
N LYS A 24 1.62 -0.53 1.27
CA LYS A 24 1.06 -1.48 2.22
C LYS A 24 0.56 -0.73 3.45
N ILE A 25 1.48 -0.11 4.15
CA ILE A 25 1.15 0.64 5.34
C ILE A 25 -0.06 1.54 5.05
N ARG A 26 0.04 2.28 3.95
CA ARG A 26 -1.02 3.17 3.55
C ARG A 26 -2.35 2.42 3.45
N ASP A 27 -2.23 1.13 3.18
CA ASP A 27 -3.40 0.28 3.05
C ASP A 27 -3.96 -0.02 4.45
N HIS A 28 -3.10 0.14 5.43
CA HIS A 28 -3.49 -0.11 6.82
C HIS A 28 -4.14 1.14 7.40
N ASP A 29 -3.87 2.26 6.76
CA ASP A 29 -4.42 3.54 7.20
C ASP A 29 -5.88 3.64 6.77
N LEU A 30 -6.18 2.96 5.68
CA LEU A 30 -7.54 2.96 5.15
C LEU A 30 -8.50 2.47 6.24
N LEU A 31 -7.94 1.80 7.23
CA LEU A 31 -8.74 1.28 8.33
C LEU A 31 -8.49 2.13 9.58
N ASP A 32 -7.89 3.29 9.36
CA ASP A 32 -7.59 4.19 10.45
C ASP A 32 -8.58 5.36 10.43
N LYS A 33 -9.27 5.50 9.30
CA LYS A 33 -10.24 6.56 9.14
C LYS A 33 -11.10 6.66 10.40
N ARG A 34 -11.28 5.51 11.04
CA ARG A 34 -12.07 5.45 12.26
C ARG A 34 -11.20 5.72 13.48
N LYS A 35 -9.96 5.24 13.38
CA LYS A 35 -9.01 5.42 14.47
C LYS A 35 -8.73 6.91 14.67
N THR A 36 -7.95 7.20 15.70
CA THR A 36 -7.60 8.58 16.01
C THR A 36 -7.03 9.28 14.77
N VAL A 37 -6.99 10.59 14.83
CA VAL A 37 -6.49 11.39 13.73
C VAL A 37 -4.98 11.15 13.59
N THR A 38 -4.39 11.85 12.63
CA THR A 38 -2.96 11.73 12.39
C THR A 38 -2.18 11.88 13.70
N ALA A 39 -1.00 11.30 13.72
CA ALA A 39 -0.15 11.36 14.90
C ALA A 39 1.23 10.80 14.56
N LEU A 40 2.22 11.22 15.34
CA LEU A 40 3.58 10.77 15.14
C LEU A 40 3.91 10.80 13.64
N LYS A 41 4.43 11.92 13.20
CA LYS A 41 4.79 12.10 11.80
C LYS A 41 5.99 11.20 11.47
N ALA A 42 6.39 11.24 10.21
CA ALA A 42 7.50 10.44 9.75
C ALA A 42 7.88 10.85 8.33
N GLY A 43 9.18 11.00 8.11
CA GLY A 43 9.69 11.39 6.81
C GLY A 43 11.18 11.10 6.68
N GLU A 44 11.97 12.08 7.08
CA GLU A 44 13.42 11.95 7.02
C GLU A 44 14.07 12.68 8.19
N ASP A 45 15.02 12.00 8.82
CA ASP A 45 15.73 12.58 9.95
C ASP A 45 14.72 13.06 10.99
N MET A 1 -5.30 2.83 -6.33
CA MET A 1 -5.33 1.71 -5.42
C MET A 1 -6.42 0.71 -5.79
N PHE A 2 -6.49 0.42 -7.08
CA PHE A 2 -7.48 -0.52 -7.58
C PHE A 2 -7.31 -0.75 -9.09
N ILE A 3 -7.53 -1.99 -9.50
CA ILE A 3 -7.41 -2.35 -10.90
C ILE A 3 -7.99 -1.22 -11.76
N TRP A 4 -7.10 -0.56 -12.49
CA TRP A 4 -7.51 0.53 -13.36
C TRP A 4 -7.42 0.05 -14.80
N THR A 5 -6.58 -0.95 -15.01
CA THR A 5 -6.39 -1.52 -16.33
C THR A 5 -7.64 -2.28 -16.77
N SER A 6 -7.56 -3.59 -16.67
CA SER A 6 -8.67 -4.45 -17.05
C SER A 6 -8.30 -5.92 -16.88
N GLY A 7 -8.42 -6.38 -15.64
CA GLY A 7 -8.10 -7.76 -15.32
C GLY A 7 -6.69 -7.87 -14.71
N ARG A 8 -5.70 -7.71 -15.58
CA ARG A 8 -4.32 -7.78 -15.15
C ARG A 8 -3.92 -6.50 -14.41
N THR A 9 -3.00 -6.67 -13.47
CA THR A 9 -2.52 -5.54 -12.69
C THR A 9 -1.03 -5.30 -12.95
N SER A 10 -0.45 -4.46 -12.10
CA SER A 10 0.96 -4.14 -12.23
C SER A 10 1.81 -5.26 -11.63
N SER A 11 2.94 -5.50 -12.26
CA SER A 11 3.86 -6.54 -11.80
C SER A 11 4.77 -5.99 -10.70
N SER A 12 4.64 -4.69 -10.46
CA SER A 12 5.45 -4.04 -9.45
C SER A 12 4.75 -4.11 -8.09
N TYR A 13 4.20 -5.29 -7.82
CA TYR A 13 3.50 -5.51 -6.56
C TYR A 13 4.21 -6.58 -5.72
N ARG A 14 4.55 -7.67 -6.39
CA ARG A 14 5.23 -8.77 -5.72
C ARG A 14 6.74 -8.70 -5.97
N HIS A 15 7.08 -8.13 -7.11
CA HIS A 15 8.48 -7.99 -7.49
C HIS A 15 9.22 -7.15 -6.44
N ASP A 16 8.97 -5.85 -6.49
CA ASP A 16 9.60 -4.94 -5.54
C ASP A 16 9.65 -5.59 -4.17
N GLU A 17 10.74 -5.34 -3.47
CA GLU A 17 10.93 -5.89 -2.14
C GLU A 17 10.27 -4.99 -1.09
N LYS A 18 11.08 -4.12 -0.51
CA LYS A 18 10.60 -3.20 0.50
C LYS A 18 10.02 -1.96 -0.19
N ARG A 19 9.92 -2.04 -1.50
CA ARG A 19 9.38 -0.94 -2.28
C ARG A 19 7.86 -0.97 -2.28
N ASN A 20 7.32 -2.10 -1.83
CA ASN A 20 5.88 -2.28 -1.77
C ASN A 20 5.41 -2.07 -0.33
N ILE A 21 6.20 -1.33 0.43
CA ILE A 21 5.87 -1.05 1.81
C ILE A 21 4.98 0.19 1.89
N TYR A 22 5.42 1.24 1.21
CA TYR A 22 4.68 2.48 1.19
C TYR A 22 3.19 2.23 0.94
N GLN A 23 2.93 1.30 0.04
CA GLN A 23 1.56 0.96 -0.30
C GLN A 23 0.92 0.14 0.83
N LYS A 24 1.77 -0.54 1.58
CA LYS A 24 1.30 -1.36 2.69
C LYS A 24 0.76 -0.46 3.79
N ILE A 25 1.67 0.28 4.40
CA ILE A 25 1.30 1.20 5.47
C ILE A 25 0.08 2.01 5.03
N ARG A 26 0.17 2.58 3.84
CA ARG A 26 -0.91 3.39 3.30
C ARG A 26 -2.22 2.60 3.32
N ASP A 27 -2.08 1.28 3.29
CA ASP A 27 -3.24 0.40 3.31
C ASP A 27 -3.74 0.25 4.74
N HIS A 28 -2.83 0.52 5.68
CA HIS A 28 -3.16 0.41 7.09
C HIS A 28 -4.04 1.59 7.50
N ASP A 29 -3.68 2.77 7.00
CA ASP A 29 -4.44 3.97 7.31
C ASP A 29 -5.93 3.71 7.09
N LEU A 30 -6.27 3.50 5.83
CA LEU A 30 -7.66 3.23 5.47
C LEU A 30 -8.09 1.90 6.08
N LEU A 31 -7.10 1.13 6.51
CA LEU A 31 -7.37 -0.16 7.12
C LEU A 31 -8.51 -0.84 6.36
N ASP A 32 -8.15 -1.59 5.33
CA ASP A 32 -9.12 -2.29 4.52
C ASP A 32 -9.47 -3.62 5.21
N LYS A 33 -8.61 -4.02 6.12
CA LYS A 33 -8.82 -5.26 6.85
C LYS A 33 -10.29 -5.37 7.26
N ARG A 34 -10.88 -4.21 7.50
CA ARG A 34 -12.28 -4.16 7.90
C ARG A 34 -13.12 -3.54 6.80
N LYS A 35 -12.47 -2.75 5.97
CA LYS A 35 -13.15 -2.09 4.87
C LYS A 35 -14.40 -1.40 5.39
N THR A 36 -15.52 -2.10 5.29
CA THR A 36 -16.79 -1.57 5.75
C THR A 36 -16.66 -1.03 7.17
N VAL A 37 -17.61 -0.19 7.53
CA VAL A 37 -17.62 0.41 8.86
C VAL A 37 -18.81 -0.13 9.66
N THR A 38 -18.79 0.16 10.95
CA THR A 38 -19.85 -0.29 11.84
C THR A 38 -21.09 0.60 11.67
N ALA A 39 -22.05 0.37 12.55
CA ALA A 39 -23.29 1.13 12.51
C ALA A 39 -24.12 0.82 13.77
N LEU A 40 -25.17 1.60 13.95
CA LEU A 40 -26.04 1.42 15.09
C LEU A 40 -27.48 1.18 14.60
N LYS A 41 -27.62 0.14 13.81
CA LYS A 41 -28.93 -0.20 13.26
C LYS A 41 -29.93 -0.34 14.40
N ALA A 42 -31.18 -0.57 14.04
CA ALA A 42 -32.24 -0.72 15.02
C ALA A 42 -31.95 -1.95 15.88
N GLY A 43 -32.85 -2.19 16.83
CA GLY A 43 -32.70 -3.32 17.72
C GLY A 43 -34.04 -4.05 17.92
N GLU A 44 -34.75 -3.63 18.95
CA GLU A 44 -36.04 -4.22 19.27
C GLU A 44 -36.65 -3.55 20.49
N ASP A 45 -37.92 -3.19 20.37
CA ASP A 45 -38.63 -2.54 21.45
C ASP A 45 -38.58 -3.44 22.69
N MET A 1 7.85 8.48 -26.45
CA MET A 1 8.31 7.39 -25.60
C MET A 1 7.22 6.35 -25.42
N PHE A 2 7.33 5.27 -26.19
CA PHE A 2 6.36 4.19 -26.12
C PHE A 2 6.81 2.99 -26.95
N ILE A 3 6.52 1.81 -26.43
CA ILE A 3 6.89 0.58 -27.12
C ILE A 3 5.65 -0.28 -27.32
N TRP A 4 5.59 -0.91 -28.48
CA TRP A 4 4.46 -1.76 -28.82
C TRP A 4 4.93 -3.21 -28.79
N THR A 5 6.21 -3.39 -29.10
CA THR A 5 6.80 -4.71 -29.12
C THR A 5 6.48 -5.46 -27.83
N SER A 6 6.73 -4.80 -26.71
CA SER A 6 6.46 -5.38 -25.41
C SER A 6 5.47 -4.52 -24.64
N GLY A 7 4.20 -4.69 -24.97
CA GLY A 7 3.15 -3.94 -24.32
C GLY A 7 3.43 -3.76 -22.83
N ARG A 8 3.23 -4.84 -22.09
CA ARG A 8 3.47 -4.83 -20.66
C ARG A 8 4.98 -4.84 -20.36
N THR A 9 5.37 -3.98 -19.43
CA THR A 9 6.77 -3.89 -19.06
C THR A 9 7.12 -4.97 -18.03
N SER A 10 8.19 -4.71 -17.29
CA SER A 10 8.64 -5.65 -16.27
C SER A 10 7.87 -5.42 -14.97
N SER A 11 8.32 -6.09 -13.93
CA SER A 11 7.69 -5.98 -12.63
C SER A 11 7.75 -4.53 -12.14
N SER A 12 8.76 -4.25 -11.32
CA SER A 12 8.94 -2.92 -10.78
C SER A 12 7.85 -2.60 -9.77
N TYR A 13 7.05 -3.63 -9.46
CA TYR A 13 5.97 -3.48 -8.51
C TYR A 13 6.17 -4.40 -7.31
N ARG A 14 6.50 -5.64 -7.61
CA ARG A 14 6.73 -6.63 -6.56
C ARG A 14 8.22 -6.76 -6.26
N HIS A 15 9.02 -6.46 -7.27
CA HIS A 15 10.46 -6.54 -7.13
C HIS A 15 10.90 -5.76 -5.90
N ASP A 16 10.68 -4.46 -5.95
CA ASP A 16 11.05 -3.59 -4.85
C ASP A 16 10.76 -4.30 -3.53
N GLU A 17 11.70 -4.18 -2.61
CA GLU A 17 11.56 -4.81 -1.31
C GLU A 17 10.82 -3.87 -0.35
N LYS A 18 11.56 -2.95 0.23
CA LYS A 18 10.99 -2.00 1.16
C LYS A 18 10.43 -0.80 0.39
N ARG A 19 10.35 -0.98 -0.92
CA ARG A 19 9.83 0.07 -1.78
C ARG A 19 8.40 -0.26 -2.23
N ASN A 20 8.00 -1.49 -1.95
CA ASN A 20 6.66 -1.95 -2.31
C ASN A 20 5.86 -2.23 -1.04
N ILE A 21 6.27 -1.56 0.03
CA ILE A 21 5.59 -1.73 1.31
C ILE A 21 4.74 -0.49 1.60
N TYR A 22 5.17 0.63 1.05
CA TYR A 22 4.46 1.88 1.24
C TYR A 22 2.97 1.72 0.92
N GLN A 23 2.71 1.01 -0.16
CA GLN A 23 1.34 0.78 -0.58
C GLN A 23 0.65 -0.21 0.38
N LYS A 24 1.47 -0.90 1.15
CA LYS A 24 0.95 -1.86 2.11
C LYS A 24 0.43 -1.13 3.34
N ILE A 25 1.35 -0.52 4.06
CA ILE A 25 0.99 0.23 5.26
C ILE A 25 -0.21 1.13 4.95
N ARG A 26 -0.10 1.87 3.87
CA ARG A 26 -1.15 2.77 3.46
C ARG A 26 -2.48 2.02 3.35
N ASP A 27 -2.37 0.72 3.09
CA ASP A 27 -3.55 -0.12 2.97
C ASP A 27 -4.09 -0.44 4.36
N HIS A 28 -3.22 -0.30 5.35
CA HIS A 28 -3.60 -0.56 6.72
C HIS A 28 -3.82 0.75 7.47
N ASP A 29 -3.62 1.84 6.74
CA ASP A 29 -3.78 3.18 7.31
C ASP A 29 -5.15 3.73 6.91
N LEU A 30 -5.60 3.32 5.73
CA LEU A 30 -6.88 3.77 5.22
C LEU A 30 -7.97 3.44 6.23
N LEU A 31 -7.66 2.49 7.11
CA LEU A 31 -8.60 2.08 8.13
C LEU A 31 -8.32 2.85 9.42
N ASP A 32 -7.56 3.93 9.28
CA ASP A 32 -7.21 4.76 10.42
C ASP A 32 -8.48 5.13 11.18
N LYS A 33 -9.60 5.05 10.48
CA LYS A 33 -10.88 5.39 11.07
C LYS A 33 -11.03 4.63 12.40
N ARG A 34 -10.44 3.45 12.44
CA ARG A 34 -10.49 2.62 13.64
C ARG A 34 -9.14 2.64 14.35
N LYS A 35 -8.10 2.88 13.57
CA LYS A 35 -6.75 2.92 14.11
C LYS A 35 -6.47 1.60 14.85
N THR A 36 -6.78 1.61 16.13
CA THR A 36 -6.56 0.44 16.96
C THR A 36 -5.19 -0.16 16.68
N VAL A 37 -4.97 -1.35 17.23
CA VAL A 37 -3.71 -2.05 17.04
C VAL A 37 -3.98 -3.48 16.57
N THR A 38 -2.92 -4.27 16.56
CA THR A 38 -3.03 -5.65 16.13
C THR A 38 -4.23 -6.33 16.80
N ALA A 39 -4.60 -7.48 16.28
CA ALA A 39 -5.73 -8.23 16.81
C ALA A 39 -5.77 -9.61 16.16
N LEU A 40 -6.51 -10.51 16.79
CA LEU A 40 -6.65 -11.86 16.29
C LEU A 40 -7.90 -11.96 15.42
N LYS A 41 -7.87 -11.23 14.31
CA LYS A 41 -8.98 -11.23 13.39
C LYS A 41 -9.27 -12.65 12.93
N ALA A 42 -10.34 -12.79 12.16
CA ALA A 42 -10.73 -14.09 11.65
C ALA A 42 -9.52 -14.78 11.02
N GLY A 43 -9.67 -16.08 10.77
CA GLY A 43 -8.59 -16.85 10.18
C GLY A 43 -9.12 -18.15 9.59
N GLU A 44 -9.74 -18.94 10.45
CA GLU A 44 -10.30 -20.22 10.02
C GLU A 44 -11.28 -20.74 11.06
N ASP A 45 -10.77 -20.93 12.27
CA ASP A 45 -11.59 -21.43 13.37
C ASP A 45 -10.78 -21.41 14.66
N MET A 1 3.66 0.35 -31.14
CA MET A 1 4.29 -0.54 -30.17
C MET A 1 3.24 -1.22 -29.29
N PHE A 2 3.27 -2.54 -29.29
CA PHE A 2 2.33 -3.31 -28.49
C PHE A 2 2.65 -4.80 -28.55
N ILE A 3 2.35 -5.48 -27.46
CA ILE A 3 2.60 -6.92 -27.38
C ILE A 3 1.27 -7.65 -27.13
N TRP A 4 1.10 -8.74 -27.86
CA TRP A 4 -0.11 -9.54 -27.74
C TRP A 4 0.25 -10.83 -27.01
N THR A 5 1.53 -11.20 -27.12
CA THR A 5 2.01 -12.41 -26.47
C THR A 5 2.24 -12.16 -24.98
N SER A 6 3.36 -12.67 -24.50
CA SER A 6 3.72 -12.52 -23.10
C SER A 6 2.48 -12.69 -22.22
N GLY A 7 2.24 -13.94 -21.84
CA GLY A 7 1.09 -14.26 -21.01
C GLY A 7 0.94 -13.24 -19.87
N ARG A 8 1.65 -13.52 -18.79
CA ARG A 8 1.61 -12.65 -17.62
C ARG A 8 1.91 -11.21 -18.04
N THR A 9 1.26 -10.28 -17.35
CA THR A 9 1.45 -8.87 -17.62
C THR A 9 2.69 -8.34 -16.90
N SER A 10 2.70 -7.03 -16.70
CA SER A 10 3.81 -6.39 -16.02
C SER A 10 3.60 -6.46 -14.50
N SER A 11 4.71 -6.57 -13.79
CA SER A 11 4.67 -6.66 -12.34
C SER A 11 4.63 -5.25 -11.74
N SER A 12 5.80 -4.76 -11.37
CA SER A 12 5.91 -3.44 -10.78
C SER A 12 5.31 -3.44 -9.38
N TYR A 13 4.95 -4.63 -8.91
CA TYR A 13 4.35 -4.78 -7.60
C TYR A 13 5.22 -5.66 -6.70
N ARG A 14 5.66 -6.77 -7.27
CA ARG A 14 6.49 -7.71 -6.53
C ARG A 14 7.97 -7.48 -6.88
N HIS A 15 8.20 -6.96 -8.07
CA HIS A 15 9.54 -6.69 -8.53
C HIS A 15 10.30 -5.89 -7.48
N ASP A 16 9.53 -5.15 -6.69
CA ASP A 16 10.10 -4.33 -5.63
C ASP A 16 10.06 -5.10 -4.31
N GLU A 17 11.11 -4.93 -3.53
CA GLU A 17 11.20 -5.61 -2.24
C GLU A 17 10.50 -4.79 -1.17
N LYS A 18 11.28 -3.98 -0.47
CA LYS A 18 10.74 -3.14 0.59
C LYS A 18 10.20 -1.85 -0.02
N ARG A 19 10.18 -1.81 -1.35
CA ARG A 19 9.69 -0.64 -2.06
C ARG A 19 8.16 -0.68 -2.16
N ASN A 20 7.62 -1.84 -1.84
CA ASN A 20 6.17 -2.02 -1.89
C ASN A 20 5.61 -1.96 -0.48
N ILE A 21 6.34 -1.28 0.39
CA ILE A 21 5.92 -1.13 1.78
C ILE A 21 5.02 0.10 1.91
N TYR A 22 5.51 1.20 1.36
CA TYR A 22 4.76 2.45 1.41
C TYR A 22 3.30 2.22 1.05
N GLN A 23 3.09 1.38 0.04
CA GLN A 23 1.73 1.08 -0.40
C GLN A 23 1.04 0.17 0.61
N LYS A 24 1.84 -0.61 1.32
CA LYS A 24 1.30 -1.52 2.32
C LYS A 24 0.69 -0.71 3.46
N ILE A 25 1.56 -0.02 4.19
CA ILE A 25 1.11 0.79 5.32
C ILE A 25 -0.09 1.63 4.87
N ARG A 26 0.08 2.30 3.74
CA ARG A 26 -0.98 3.14 3.21
C ARG A 26 -2.28 2.35 3.09
N ASP A 27 -2.13 1.05 2.94
CA ASP A 27 -3.28 0.17 2.82
C ASP A 27 -3.88 -0.07 4.20
N HIS A 28 -3.06 0.12 5.22
CA HIS A 28 -3.49 -0.07 6.59
C HIS A 28 -4.11 1.22 7.11
N ASP A 29 -3.76 2.32 6.47
CA ASP A 29 -4.28 3.62 6.86
C ASP A 29 -5.78 3.66 6.63
N LEU A 30 -6.21 2.87 5.65
CA LEU A 30 -7.62 2.81 5.31
C LEU A 30 -8.42 2.25 6.50
N LEU A 31 -7.72 1.47 7.31
CA LEU A 31 -8.33 0.87 8.48
C LEU A 31 -8.51 1.93 9.56
N ASP A 32 -9.40 2.89 9.26
CA ASP A 32 -9.67 3.96 10.20
C ASP A 32 -9.73 3.40 11.62
N LYS A 33 -9.09 4.13 12.53
CA LYS A 33 -9.06 3.72 13.92
C LYS A 33 -10.47 3.77 14.49
N ARG A 34 -11.21 4.78 14.07
CA ARG A 34 -12.58 4.95 14.53
C ARG A 34 -13.53 5.16 13.34
N LYS A 35 -13.38 6.32 12.71
CA LYS A 35 -14.20 6.65 11.56
C LYS A 35 -15.66 6.27 11.87
N THR A 36 -16.03 5.10 11.38
CA THR A 36 -17.39 4.61 11.58
C THR A 36 -17.52 3.18 11.04
N VAL A 37 -18.74 2.67 11.11
CA VAL A 37 -19.02 1.32 10.64
C VAL A 37 -20.27 1.35 9.76
N THR A 38 -20.66 0.16 9.31
CA THR A 38 -21.83 0.03 8.46
C THR A 38 -23.00 0.85 9.03
N ALA A 39 -24.05 0.96 8.24
CA ALA A 39 -25.23 1.70 8.65
C ALA A 39 -26.36 1.47 7.64
N LEU A 40 -27.57 1.67 8.12
CA LEU A 40 -28.74 1.47 7.27
C LEU A 40 -28.55 0.23 6.41
N LYS A 41 -28.48 -0.91 7.08
CA LYS A 41 -28.30 -2.18 6.39
C LYS A 41 -29.35 -2.30 5.28
N ALA A 42 -29.25 -3.40 4.54
CA ALA A 42 -30.17 -3.65 3.45
C ALA A 42 -31.61 -3.64 3.98
N GLY A 43 -32.37 -2.65 3.55
CA GLY A 43 -33.74 -2.52 3.99
C GLY A 43 -33.85 -2.63 5.51
N GLU A 44 -33.39 -1.60 6.18
CA GLU A 44 -33.43 -1.56 7.63
C GLU A 44 -34.81 -1.97 8.13
N ASP A 45 -34.94 -3.24 8.47
CA ASP A 45 -36.21 -3.76 8.96
C ASP A 45 -37.34 -3.30 8.05
N MET A 1 -4.48 -8.07 -29.05
CA MET A 1 -5.34 -9.21 -28.81
C MET A 1 -5.17 -9.73 -27.38
N PHE A 2 -6.08 -9.28 -26.52
CA PHE A 2 -6.04 -9.69 -25.12
C PHE A 2 -5.61 -11.15 -24.98
N ILE A 3 -4.77 -11.40 -23.99
CA ILE A 3 -4.27 -12.73 -23.74
C ILE A 3 -5.29 -13.50 -22.90
N TRP A 4 -5.77 -14.60 -23.48
CA TRP A 4 -6.75 -15.43 -22.80
C TRP A 4 -6.08 -16.76 -22.44
N THR A 5 -5.23 -17.22 -23.34
CA THR A 5 -4.52 -18.47 -23.14
C THR A 5 -3.82 -18.47 -21.77
N SER A 6 -2.52 -18.24 -21.81
CA SER A 6 -1.73 -18.20 -20.59
C SER A 6 -0.37 -17.55 -20.86
N GLY A 7 -0.31 -16.25 -20.57
CA GLY A 7 0.92 -15.50 -20.78
C GLY A 7 1.20 -14.58 -19.59
N ARG A 8 1.98 -15.08 -18.66
CA ARG A 8 2.33 -14.31 -17.48
C ARG A 8 2.80 -12.91 -17.88
N THR A 9 2.57 -11.96 -16.98
CA THR A 9 2.97 -10.59 -17.23
C THR A 9 4.17 -10.21 -16.37
N SER A 10 4.45 -8.91 -16.33
CA SER A 10 5.57 -8.42 -15.55
C SER A 10 5.15 -8.20 -14.10
N SER A 11 6.14 -8.26 -13.21
CA SER A 11 5.89 -8.08 -11.79
C SER A 11 5.87 -6.59 -11.45
N SER A 12 7.00 -6.10 -10.98
CA SER A 12 7.13 -4.71 -10.62
C SER A 12 6.33 -4.43 -9.35
N TYR A 13 5.82 -5.50 -8.76
CA TYR A 13 5.04 -5.39 -7.54
C TYR A 13 5.70 -6.13 -6.38
N ARG A 14 6.13 -7.35 -6.68
CA ARG A 14 6.79 -8.17 -5.67
C ARG A 14 8.30 -8.08 -5.82
N HIS A 15 8.74 -7.84 -7.05
CA HIS A 15 10.16 -7.73 -7.33
C HIS A 15 10.79 -6.72 -6.37
N ASP A 16 9.97 -5.81 -5.88
CA ASP A 16 10.43 -4.79 -4.97
C ASP A 16 10.26 -5.29 -3.53
N GLU A 17 11.31 -5.09 -2.75
CA GLU A 17 11.29 -5.51 -1.35
C GLU A 17 10.65 -4.44 -0.48
N LYS A 18 11.50 -3.55 0.02
CA LYS A 18 11.04 -2.47 0.87
C LYS A 18 10.57 -1.29 0.00
N ARG A 19 10.46 -1.58 -1.29
CA ARG A 19 10.04 -0.55 -2.25
C ARG A 19 8.54 -0.70 -2.54
N ASN A 20 7.98 -1.82 -2.10
CA ASN A 20 6.57 -2.07 -2.30
C ASN A 20 5.90 -2.32 -0.95
N ILE A 21 6.33 -1.55 0.03
CA ILE A 21 5.77 -1.67 1.38
C ILE A 21 4.97 -0.41 1.71
N TYR A 22 5.41 0.70 1.15
CA TYR A 22 4.75 1.97 1.39
C TYR A 22 3.25 1.88 1.05
N GLN A 23 2.98 1.24 -0.08
CA GLN A 23 1.60 1.07 -0.52
C GLN A 23 0.86 0.10 0.40
N LYS A 24 1.63 -0.54 1.27
CA LYS A 24 1.06 -1.49 2.20
C LYS A 24 0.54 -0.75 3.44
N ILE A 25 1.47 -0.13 4.15
CA ILE A 25 1.12 0.63 5.34
C ILE A 25 -0.08 1.53 5.03
N ARG A 26 0.03 2.27 3.94
CA ARG A 26 -1.02 3.17 3.53
C ARG A 26 -2.35 2.42 3.43
N ASP A 27 -2.25 1.12 3.18
CA ASP A 27 -3.42 0.27 3.06
C ASP A 27 -3.99 -0.01 4.45
N HIS A 28 -3.13 0.16 5.44
CA HIS A 28 -3.53 -0.07 6.83
C HIS A 28 -4.20 1.18 7.38
N ASP A 29 -3.80 2.33 6.82
CA ASP A 29 -4.35 3.60 7.25
C ASP A 29 -5.82 3.70 6.81
N LEU A 30 -6.13 2.99 5.73
CA LEU A 30 -7.47 2.98 5.19
C LEU A 30 -8.45 2.55 6.29
N LEU A 31 -7.98 1.68 7.16
CA LEU A 31 -8.79 1.19 8.25
C LEU A 31 -8.60 2.08 9.48
N ASP A 32 -8.01 3.24 9.23
CA ASP A 32 -7.77 4.21 10.29
C ASP A 32 -8.68 5.42 10.10
N LYS A 33 -9.17 5.58 8.88
CA LYS A 33 -10.04 6.68 8.55
C LYS A 33 -11.10 6.82 9.65
N ARG A 34 -11.46 5.69 10.23
CA ARG A 34 -12.46 5.66 11.28
C ARG A 34 -11.80 5.92 12.64
N LYS A 35 -10.60 5.39 12.79
CA LYS A 35 -9.86 5.56 14.03
C LYS A 35 -9.50 7.04 14.21
N THR A 36 -8.92 7.33 15.36
CA THR A 36 -8.52 8.69 15.67
C THR A 36 -7.86 8.76 17.06
N VAL A 37 -7.54 9.97 17.47
CA VAL A 37 -6.91 10.18 18.77
C VAL A 37 -5.70 9.25 18.90
N THR A 38 -5.03 9.37 20.03
CA THR A 38 -3.86 8.55 20.29
C THR A 38 -3.04 8.35 19.01
N ALA A 39 -2.21 7.32 19.03
CA ALA A 39 -1.38 7.01 17.87
C ALA A 39 -0.71 5.65 18.08
N LEU A 40 -0.10 5.16 17.02
CA LEU A 40 0.57 3.87 17.06
C LEU A 40 1.84 4.00 17.93
N LYS A 41 1.62 4.32 19.19
CA LYS A 41 2.73 4.47 20.11
C LYS A 41 3.26 3.09 20.50
N ALA A 42 4.35 3.10 21.26
CA ALA A 42 4.97 1.85 21.69
C ALA A 42 5.27 0.98 20.48
N GLY A 43 6.54 0.94 20.11
CA GLY A 43 6.97 0.15 18.97
C GLY A 43 7.78 -1.05 19.42
N GLU A 44 8.90 -0.77 20.08
CA GLU A 44 9.78 -1.82 20.56
C GLU A 44 10.36 -2.60 19.40
N ASP A 45 11.68 -2.48 19.24
CA ASP A 45 12.38 -3.17 18.17
C ASP A 45 13.87 -3.19 18.46
N MET A 1 7.48 11.55 -22.63
CA MET A 1 8.38 10.64 -23.34
C MET A 1 8.43 9.28 -22.65
N PHE A 2 8.49 8.24 -23.46
CA PHE A 2 8.54 6.89 -22.94
C PHE A 2 8.68 5.87 -24.07
N ILE A 3 9.44 4.82 -23.80
CA ILE A 3 9.66 3.77 -24.78
C ILE A 3 9.23 2.43 -24.19
N TRP A 4 8.62 1.62 -25.04
CA TRP A 4 8.14 0.31 -24.62
C TRP A 4 9.00 -0.75 -25.33
N THR A 5 9.40 -0.41 -26.54
CA THR A 5 10.22 -1.31 -27.33
C THR A 5 11.42 -1.81 -26.51
N SER A 6 12.15 -0.85 -25.96
CA SER A 6 13.32 -1.17 -25.16
C SER A 6 14.07 0.11 -24.79
N GLY A 7 14.09 0.40 -23.50
CA GLY A 7 14.77 1.60 -23.02
C GLY A 7 15.12 1.46 -21.53
N ARG A 8 14.15 0.95 -20.77
CA ARG A 8 14.34 0.76 -19.34
C ARG A 8 15.51 -0.19 -19.08
N THR A 9 16.15 0.01 -17.94
CA THR A 9 17.28 -0.82 -17.56
C THR A 9 16.89 -1.79 -16.44
N SER A 10 17.90 -2.40 -15.85
CA SER A 10 17.67 -3.35 -14.76
C SER A 10 16.59 -2.82 -13.83
N SER A 11 15.97 -3.74 -13.11
CA SER A 11 14.92 -3.38 -12.18
C SER A 11 15.45 -2.37 -11.15
N SER A 12 15.83 -2.89 -10.00
CA SER A 12 16.36 -2.04 -8.94
C SER A 12 15.23 -1.22 -8.32
N TYR A 13 14.01 -1.52 -8.77
CA TYR A 13 12.84 -0.81 -8.27
C TYR A 13 11.88 -1.77 -7.56
N ARG A 14 11.64 -2.90 -8.20
CA ARG A 14 10.75 -3.89 -7.64
C ARG A 14 11.56 -4.98 -6.91
N HIS A 15 12.75 -5.22 -7.41
CA HIS A 15 13.62 -6.22 -6.82
C HIS A 15 13.66 -6.02 -5.30
N ASP A 16 13.40 -4.80 -4.89
CA ASP A 16 13.40 -4.48 -3.47
C ASP A 16 11.99 -4.70 -2.90
N GLU A 17 11.96 -5.35 -1.75
CA GLU A 17 10.68 -5.64 -1.09
C GLU A 17 10.27 -4.46 -0.22
N LYS A 18 11.27 -3.73 0.24
CA LYS A 18 11.02 -2.57 1.09
C LYS A 18 10.64 -1.37 0.22
N ARG A 19 10.52 -1.64 -1.08
CA ARG A 19 10.15 -0.60 -2.03
C ARG A 19 8.67 -0.70 -2.38
N ASN A 20 8.07 -1.81 -1.98
CA ASN A 20 6.67 -2.05 -2.26
C ASN A 20 5.92 -2.28 -0.94
N ILE A 21 6.36 -1.54 0.08
CA ILE A 21 5.75 -1.65 1.39
C ILE A 21 4.94 -0.39 1.69
N TYR A 22 5.41 0.72 1.12
CA TYR A 22 4.74 2.00 1.32
C TYR A 22 3.26 1.91 0.94
N GLN A 23 3.01 1.26 -0.20
CA GLN A 23 1.65 1.10 -0.68
C GLN A 23 0.88 0.14 0.22
N LYS A 24 1.61 -0.49 1.14
CA LYS A 24 1.01 -1.43 2.06
C LYS A 24 0.46 -0.67 3.28
N ILE A 25 1.38 -0.05 4.01
CA ILE A 25 1.00 0.70 5.19
C ILE A 25 -0.19 1.61 4.85
N ARG A 26 -0.03 2.34 3.76
CA ARG A 26 -1.07 3.25 3.32
C ARG A 26 -2.40 2.52 3.19
N ASP A 27 -2.30 1.22 2.95
CA ASP A 27 -3.49 0.39 2.82
C ASP A 27 -4.02 0.03 4.21
N HIS A 28 -3.14 0.13 5.20
CA HIS A 28 -3.51 -0.17 6.56
C HIS A 28 -4.09 1.08 7.23
N ASP A 29 -3.82 2.22 6.61
CA ASP A 29 -4.30 3.49 7.14
C ASP A 29 -5.81 3.58 6.90
N LEU A 30 -6.27 2.88 5.87
CA LEU A 30 -7.68 2.88 5.54
C LEU A 30 -8.48 2.36 6.73
N LEU A 31 -7.77 1.70 7.63
CA LEU A 31 -8.40 1.15 8.82
C LEU A 31 -8.61 2.25 9.85
N ASP A 32 -9.51 3.17 9.51
CA ASP A 32 -9.82 4.28 10.39
C ASP A 32 -11.12 3.99 11.15
N LYS A 33 -11.09 4.29 12.45
CA LYS A 33 -12.25 4.06 13.28
C LYS A 33 -13.38 5.00 12.85
N ARG A 34 -12.99 6.21 12.49
CA ARG A 34 -13.95 7.22 12.06
C ARG A 34 -13.52 7.82 10.72
N LYS A 35 -12.44 8.57 10.76
CA LYS A 35 -11.92 9.20 9.56
C LYS A 35 -13.08 9.76 8.74
N THR A 36 -13.49 8.99 7.74
CA THR A 36 -14.58 9.40 6.88
C THR A 36 -14.98 8.25 5.94
N VAL A 37 -15.79 8.60 4.94
CA VAL A 37 -16.24 7.61 3.98
C VAL A 37 -16.08 8.17 2.57
N THR A 38 -16.93 7.70 1.67
CA THR A 38 -16.89 8.14 0.29
C THR A 38 -15.44 8.18 -0.22
N ALA A 39 -15.28 8.76 -1.40
CA ALA A 39 -13.96 8.87 -2.00
C ALA A 39 -14.04 9.78 -3.22
N LEU A 40 -12.90 10.35 -3.58
CA LEU A 40 -12.82 11.24 -4.72
C LEU A 40 -11.70 10.77 -5.65
N LYS A 41 -12.01 9.73 -6.43
CA LYS A 41 -11.04 9.19 -7.37
C LYS A 41 -10.47 10.32 -8.22
N ALA A 42 -9.56 9.94 -9.11
CA ALA A 42 -8.93 10.91 -9.99
C ALA A 42 -8.10 10.17 -11.04
N GLY A 43 -7.79 10.88 -12.11
CA GLY A 43 -6.99 10.31 -13.19
C GLY A 43 -6.44 11.40 -14.10
N GLU A 44 -7.24 11.76 -15.10
CA GLU A 44 -6.83 12.78 -16.06
C GLU A 44 -5.59 12.33 -16.83
N ASP A 45 -5.55 12.72 -18.10
CA ASP A 45 -4.43 12.36 -18.95
C ASP A 45 -4.13 10.87 -18.79
N MET A 1 6.46 -24.97 -12.04
CA MET A 1 5.56 -24.23 -11.18
C MET A 1 4.76 -23.19 -11.99
N PHE A 2 3.46 -23.19 -11.77
CA PHE A 2 2.58 -22.26 -12.47
C PHE A 2 1.13 -22.46 -12.04
N ILE A 3 0.31 -21.47 -12.38
CA ILE A 3 -1.10 -21.52 -12.03
C ILE A 3 -1.93 -21.36 -13.32
N TRP A 4 -3.01 -22.13 -13.37
CA TRP A 4 -3.90 -22.09 -14.53
C TRP A 4 -5.19 -21.40 -14.10
N THR A 5 -5.44 -21.41 -12.80
CA THR A 5 -6.63 -20.80 -12.25
C THR A 5 -6.62 -19.29 -12.51
N SER A 6 -6.89 -18.53 -11.46
CA SER A 6 -6.91 -17.08 -11.56
C SER A 6 -7.07 -16.47 -10.17
N GLY A 7 -5.95 -15.95 -9.66
CA GLY A 7 -5.96 -15.33 -8.35
C GLY A 7 -4.76 -14.38 -8.19
N ARG A 8 -3.58 -14.94 -8.42
CA ARG A 8 -2.35 -14.16 -8.30
C ARG A 8 -2.45 -12.89 -9.14
N THR A 9 -1.73 -11.87 -8.70
CA THR A 9 -1.73 -10.60 -9.39
C THR A 9 -0.40 -10.39 -10.12
N SER A 10 -0.19 -9.16 -10.58
CA SER A 10 1.02 -8.82 -11.30
C SER A 10 2.23 -9.47 -10.61
N SER A 11 3.32 -9.54 -11.36
CA SER A 11 4.54 -10.14 -10.84
C SER A 11 5.36 -9.09 -10.08
N SER A 12 5.37 -7.88 -10.63
CA SER A 12 6.10 -6.79 -10.03
C SER A 12 5.33 -6.25 -8.82
N TYR A 13 4.97 -7.16 -7.93
CA TYR A 13 4.23 -6.80 -6.73
C TYR A 13 4.96 -7.27 -5.48
N ARG A 14 5.45 -8.50 -5.53
CA ARG A 14 6.17 -9.07 -4.41
C ARG A 14 7.67 -9.00 -4.65
N HIS A 15 8.05 -9.10 -5.91
CA HIS A 15 9.46 -9.05 -6.30
C HIS A 15 10.14 -7.90 -5.53
N ASP A 16 9.34 -6.91 -5.18
CA ASP A 16 9.85 -5.76 -4.46
C ASP A 16 9.76 -6.02 -2.96
N GLU A 17 10.83 -5.71 -2.26
CA GLU A 17 10.87 -5.90 -0.82
C GLU A 17 10.28 -4.68 -0.10
N LYS A 18 11.16 -3.75 0.21
CA LYS A 18 10.75 -2.53 0.90
C LYS A 18 10.28 -1.51 -0.14
N ARG A 19 10.10 -1.99 -1.36
CA ARG A 19 9.66 -1.13 -2.44
C ARG A 19 8.14 -1.26 -2.64
N ASN A 20 7.58 -2.28 -2.00
CA ASN A 20 6.15 -2.53 -2.10
C ASN A 20 5.54 -2.54 -0.69
N ILE A 21 6.03 -1.62 0.13
CA ILE A 21 5.54 -1.51 1.50
C ILE A 21 4.79 -0.20 1.66
N TYR A 22 5.23 0.80 0.91
CA TYR A 22 4.60 2.11 0.97
C TYR A 22 3.09 2.00 0.76
N GLN A 23 2.71 1.17 -0.19
CA GLN A 23 1.31 0.97 -0.49
C GLN A 23 0.65 0.10 0.58
N LYS A 24 1.46 -0.31 1.55
CA LYS A 24 0.98 -1.15 2.63
C LYS A 24 0.63 -0.25 3.83
N ILE A 25 1.66 0.40 4.36
CA ILE A 25 1.47 1.28 5.50
C ILE A 25 0.24 2.15 5.27
N ARG A 26 0.28 2.92 4.19
CA ARG A 26 -0.82 3.79 3.85
C ARG A 26 -2.14 3.00 3.82
N ASP A 27 -2.00 1.71 3.54
CA ASP A 27 -3.16 0.84 3.48
C ASP A 27 -3.64 0.51 4.89
N HIS A 28 -2.70 0.62 5.83
CA HIS A 28 -3.01 0.33 7.22
C HIS A 28 -3.96 1.40 7.76
N ASP A 29 -3.78 2.61 7.27
CA ASP A 29 -4.62 3.72 7.70
C ASP A 29 -6.07 3.43 7.33
N LEU A 30 -6.36 3.53 6.04
CA LEU A 30 -7.70 3.30 5.55
C LEU A 30 -8.12 1.87 5.92
N LEU A 31 -7.12 1.04 6.22
CA LEU A 31 -7.37 -0.33 6.59
C LEU A 31 -8.51 -0.89 5.73
N ASP A 32 -8.13 -1.31 4.52
CA ASP A 32 -9.11 -1.85 3.59
C ASP A 32 -8.84 -3.36 3.41
N LYS A 33 -7.65 -3.75 3.80
CA LYS A 33 -7.25 -5.15 3.69
C LYS A 33 -8.40 -6.04 4.17
N ARG A 34 -9.14 -5.52 5.14
CA ARG A 34 -10.27 -6.26 5.69
C ARG A 34 -11.57 -5.78 5.05
N LYS A 35 -12.67 -6.26 5.62
CA LYS A 35 -13.99 -5.89 5.12
C LYS A 35 -14.21 -6.56 3.75
N THR A 36 -15.47 -6.60 3.35
CA THR A 36 -15.83 -7.20 2.09
C THR A 36 -17.31 -6.94 1.77
N VAL A 37 -17.80 -7.66 0.77
CA VAL A 37 -19.19 -7.52 0.37
C VAL A 37 -19.94 -8.82 0.68
N THR A 38 -21.27 -8.74 0.57
CA THR A 38 -22.11 -9.89 0.85
C THR A 38 -21.58 -11.12 0.12
N ALA A 39 -22.23 -12.24 0.37
CA ALA A 39 -21.83 -13.50 -0.25
C ALA A 39 -22.89 -14.57 0.04
N LEU A 40 -22.92 -15.57 -0.81
CA LEU A 40 -23.87 -16.66 -0.66
C LEU A 40 -25.22 -16.09 -0.24
N LYS A 41 -25.87 -15.43 -1.19
CA LYS A 41 -27.17 -14.83 -0.94
C LYS A 41 -28.10 -15.88 -0.33
N ALA A 42 -29.30 -15.44 0.01
CA ALA A 42 -30.29 -16.33 0.59
C ALA A 42 -30.65 -17.42 -0.42
N GLY A 43 -30.78 -18.64 0.10
CA GLY A 43 -31.12 -19.77 -0.75
C GLY A 43 -32.18 -20.65 -0.09
N GLU A 44 -31.74 -21.80 0.38
CA GLU A 44 -32.63 -22.74 1.03
C GLU A 44 -33.78 -23.12 0.10
N ASP A 45 -33.52 -24.09 -0.76
CA ASP A 45 -34.52 -24.55 -1.70
C ASP A 45 -35.84 -24.77 -0.98
N MET A 1 -9.56 7.39 -28.62
CA MET A 1 -8.61 6.39 -28.16
C MET A 1 -7.32 7.05 -27.67
N PHE A 2 -7.30 7.38 -26.39
CA PHE A 2 -6.14 8.02 -25.79
C PHE A 2 -5.59 7.16 -24.65
N ILE A 3 -4.26 7.12 -24.58
CA ILE A 3 -3.60 6.35 -23.55
C ILE A 3 -2.08 6.53 -23.68
N TRP A 4 -1.40 6.48 -22.55
CA TRP A 4 0.04 6.64 -22.52
C TRP A 4 0.66 5.26 -22.27
N THR A 5 -0.10 4.43 -21.57
CA THR A 5 0.36 3.09 -21.25
C THR A 5 0.03 2.13 -22.40
N SER A 6 -0.43 0.94 -22.02
CA SER A 6 -0.76 -0.07 -23.01
C SER A 6 -1.27 -1.33 -22.31
N GLY A 7 -2.50 -1.23 -21.80
CA GLY A 7 -3.11 -2.35 -21.10
C GLY A 7 -2.46 -2.57 -19.73
N ARG A 8 -1.18 -2.93 -19.77
CA ARG A 8 -0.44 -3.18 -18.55
C ARG A 8 0.73 -2.20 -18.44
N THR A 9 1.07 -1.86 -17.20
CA THR A 9 2.17 -0.95 -16.94
C THR A 9 3.50 -1.69 -16.97
N SER A 10 4.49 -1.08 -16.32
CA SER A 10 5.82 -1.67 -16.26
C SER A 10 5.88 -2.70 -15.13
N SER A 11 6.90 -3.55 -15.20
CA SER A 11 7.08 -4.58 -14.20
C SER A 11 7.85 -4.00 -13.00
N SER A 12 8.28 -2.76 -13.15
CA SER A 12 9.03 -2.09 -12.10
C SER A 12 8.07 -1.40 -11.14
N TYR A 13 6.99 -2.10 -10.82
CA TYR A 13 5.99 -1.56 -9.90
C TYR A 13 5.90 -2.40 -8.64
N ARG A 14 5.87 -3.72 -8.82
CA ARG A 14 5.79 -4.63 -7.71
C ARG A 14 7.18 -5.18 -7.36
N HIS A 15 8.03 -5.22 -8.38
CA HIS A 15 9.38 -5.72 -8.21
C HIS A 15 10.02 -5.04 -6.98
N ASP A 16 9.80 -3.74 -6.89
CA ASP A 16 10.35 -2.97 -5.79
C ASP A 16 10.24 -3.79 -4.50
N GLU A 17 11.32 -3.77 -3.74
CA GLU A 17 11.37 -4.50 -2.48
C GLU A 17 10.78 -3.65 -1.35
N LYS A 18 11.63 -2.79 -0.80
CA LYS A 18 11.21 -1.92 0.28
C LYS A 18 10.48 -0.71 -0.30
N ARG A 19 10.27 -0.75 -1.61
CA ARG A 19 9.59 0.34 -2.29
C ARG A 19 8.13 -0.04 -2.56
N ASN A 20 7.83 -1.31 -2.34
CA ASN A 20 6.48 -1.81 -2.55
C ASN A 20 5.94 -2.38 -1.23
N ILE A 21 6.33 -1.72 -0.15
CA ILE A 21 5.89 -2.15 1.18
C ILE A 21 4.85 -1.15 1.71
N TYR A 22 5.10 0.12 1.41
CA TYR A 22 4.19 1.18 1.85
C TYR A 22 2.74 0.82 1.52
N GLN A 23 2.54 0.35 0.31
CA GLN A 23 1.21 -0.02 -0.14
C GLN A 23 0.45 -0.72 0.97
N LYS A 24 1.21 -1.38 1.84
CA LYS A 24 0.62 -2.10 2.96
C LYS A 24 0.33 -1.11 4.09
N ILE A 25 1.40 -0.62 4.69
CA ILE A 25 1.28 0.33 5.79
C ILE A 25 0.27 1.41 5.42
N ARG A 26 0.45 1.96 4.23
CA ARG A 26 -0.44 3.00 3.74
C ARG A 26 -1.89 2.51 3.74
N ASP A 27 -2.03 1.21 3.59
CA ASP A 27 -3.35 0.59 3.58
C ASP A 27 -3.91 0.56 5.01
N HIS A 28 -2.99 0.57 5.97
CA HIS A 28 -3.38 0.54 7.36
C HIS A 28 -4.09 1.84 7.73
N ASP A 29 -3.69 2.91 7.06
CA ASP A 29 -4.28 4.21 7.30
C ASP A 29 -5.77 4.17 6.95
N LEU A 30 -6.03 4.14 5.64
CA LEU A 30 -7.41 4.10 5.17
C LEU A 30 -8.10 2.85 5.72
N LEU A 31 -7.28 1.91 6.16
CA LEU A 31 -7.79 0.66 6.72
C LEU A 31 -9.01 0.22 5.90
N ASP A 32 -8.73 -0.43 4.78
CA ASP A 32 -9.79 -0.92 3.92
C ASP A 32 -9.85 -2.44 3.99
N LYS A 33 -8.74 -3.02 4.43
CA LYS A 33 -8.64 -4.47 4.54
C LYS A 33 -9.97 -5.01 5.09
N ARG A 34 -10.63 -4.20 5.88
CA ARG A 34 -11.91 -4.58 6.47
C ARG A 34 -13.04 -3.78 5.84
N LYS A 35 -12.69 -2.60 5.34
CA LYS A 35 -13.67 -1.73 4.72
C LYS A 35 -14.91 -1.63 5.61
N THR A 36 -15.92 -2.40 5.25
CA THR A 36 -17.16 -2.40 6.00
C THR A 36 -16.86 -2.37 7.51
N VAL A 37 -17.83 -1.87 8.26
CA VAL A 37 -17.70 -1.78 9.70
C VAL A 37 -18.30 -3.03 10.35
N THR A 38 -19.14 -3.71 9.58
CA THR A 38 -19.80 -4.91 10.05
C THR A 38 -18.84 -5.73 10.92
N ALA A 39 -19.41 -6.42 11.89
CA ALA A 39 -18.61 -7.24 12.80
C ALA A 39 -19.56 -8.09 13.66
N LEU A 40 -19.01 -9.19 14.16
CA LEU A 40 -19.78 -10.09 15.00
C LEU A 40 -18.96 -10.46 16.24
N LYS A 41 -18.73 -9.47 17.07
CA LYS A 41 -17.96 -9.68 18.29
C LYS A 41 -18.53 -10.87 19.05
N ALA A 42 -17.86 -11.21 20.14
CA ALA A 42 -18.29 -12.33 20.96
C ALA A 42 -19.75 -12.13 21.37
N GLY A 43 -20.25 -13.08 22.15
CA GLY A 43 -21.63 -13.02 22.62
C GLY A 43 -21.78 -13.68 23.99
N GLU A 44 -20.97 -13.20 24.93
CA GLU A 44 -21.01 -13.73 26.28
C GLU A 44 -20.09 -12.92 27.19
N ASP A 45 -20.36 -13.00 28.48
CA ASP A 45 -19.57 -12.29 29.47
C ASP A 45 -18.36 -13.14 29.86
N MET A 1 -10.37 -18.09 -27.67
CA MET A 1 -10.28 -16.98 -28.60
C MET A 1 -10.71 -15.67 -27.95
N PHE A 2 -9.99 -15.31 -26.88
CA PHE A 2 -10.29 -14.09 -26.17
C PHE A 2 -9.26 -13.84 -25.06
N ILE A 3 -8.94 -12.56 -24.88
CA ILE A 3 -7.98 -12.17 -23.87
C ILE A 3 -8.72 -11.76 -22.60
N TRP A 4 -8.32 -12.38 -21.49
CA TRP A 4 -8.94 -12.07 -20.21
C TRP A 4 -7.99 -11.16 -19.43
N THR A 5 -6.71 -11.26 -19.78
CA THR A 5 -5.70 -10.46 -19.12
C THR A 5 -5.79 -8.99 -19.58
N SER A 6 -4.63 -8.42 -19.88
CA SER A 6 -4.58 -7.04 -20.34
C SER A 6 -3.12 -6.64 -20.58
N GLY A 7 -2.43 -7.45 -21.37
CA GLY A 7 -1.04 -7.18 -21.69
C GLY A 7 -0.30 -6.64 -20.47
N ARG A 8 0.07 -7.56 -19.59
CA ARG A 8 0.79 -7.19 -18.37
C ARG A 8 2.19 -6.67 -18.73
N THR A 9 2.69 -5.78 -17.88
CA THR A 9 4.00 -5.21 -18.09
C THR A 9 5.00 -5.77 -17.07
N SER A 10 6.16 -5.13 -17.01
CA SER A 10 7.20 -5.57 -16.09
C SER A 10 6.68 -5.51 -14.65
N SER A 11 7.42 -6.17 -13.77
CA SER A 11 7.05 -6.21 -12.37
C SER A 11 6.99 -4.80 -11.80
N SER A 12 8.08 -4.39 -11.17
CA SER A 12 8.16 -3.07 -10.58
C SER A 12 7.26 -2.98 -9.35
N TYR A 13 6.71 -4.14 -8.98
CA TYR A 13 5.83 -4.21 -7.82
C TYR A 13 6.40 -5.14 -6.75
N ARG A 14 6.87 -6.29 -7.20
CA ARG A 14 7.44 -7.28 -6.30
C ARG A 14 8.97 -7.17 -6.31
N HIS A 15 9.49 -6.70 -7.43
CA HIS A 15 10.93 -6.55 -7.58
C HIS A 15 11.48 -5.76 -6.40
N ASP A 16 10.64 -4.92 -5.82
CA ASP A 16 11.03 -4.11 -4.69
C ASP A 16 10.59 -4.80 -3.40
N GLU A 17 11.49 -4.79 -2.43
CA GLU A 17 11.21 -5.41 -1.14
C GLU A 17 10.49 -4.42 -0.22
N LYS A 18 11.29 -3.59 0.44
CA LYS A 18 10.74 -2.59 1.34
C LYS A 18 10.35 -1.34 0.56
N ARG A 19 10.34 -1.49 -0.76
CA ARG A 19 9.99 -0.38 -1.64
C ARG A 19 8.58 -0.57 -2.19
N ASN A 20 8.05 -1.76 -1.98
CA ASN A 20 6.71 -2.07 -2.44
C ASN A 20 5.79 -2.27 -1.24
N ILE A 21 6.19 -1.67 -0.13
CA ILE A 21 5.41 -1.77 1.11
C ILE A 21 4.73 -0.42 1.36
N TYR A 22 5.30 0.62 0.80
CA TYR A 22 4.76 1.97 0.97
C TYR A 22 3.24 1.96 0.75
N GLN A 23 2.82 1.21 -0.24
CA GLN A 23 1.40 1.12 -0.55
C GLN A 23 0.68 0.23 0.47
N LYS A 24 1.46 -0.66 1.08
CA LYS A 24 0.91 -1.56 2.08
C LYS A 24 0.51 -0.77 3.32
N ILE A 25 1.52 -0.16 3.94
CA ILE A 25 1.29 0.65 5.13
C ILE A 25 0.10 1.57 4.89
N ARG A 26 0.14 2.27 3.78
CA ARG A 26 -0.93 3.19 3.42
C ARG A 26 -2.27 2.46 3.41
N ASP A 27 -2.21 1.17 3.13
CA ASP A 27 -3.41 0.36 3.08
C ASP A 27 -3.92 0.11 4.49
N HIS A 28 -3.01 0.28 5.45
CA HIS A 28 -3.36 0.08 6.85
C HIS A 28 -4.04 1.33 7.39
N ASP A 29 -3.70 2.47 6.78
CA ASP A 29 -4.27 3.74 7.19
C ASP A 29 -5.77 3.74 6.89
N LEU A 30 -6.12 3.09 5.79
CA LEU A 30 -7.52 3.01 5.38
C LEU A 30 -8.33 2.33 6.48
N LEU A 31 -7.65 1.47 7.23
CA LEU A 31 -8.29 0.75 8.32
C LEU A 31 -8.54 1.70 9.48
N ASP A 32 -9.42 2.67 9.24
CA ASP A 32 -9.76 3.65 10.26
C ASP A 32 -11.10 3.28 10.91
N LYS A 33 -12.17 3.74 10.29
CA LYS A 33 -13.50 3.47 10.79
C LYS A 33 -13.58 2.01 11.24
N ARG A 34 -12.80 1.17 10.56
CA ARG A 34 -12.78 -0.24 10.88
C ARG A 34 -11.96 -0.49 12.15
N LYS A 35 -10.67 -0.27 12.04
CA LYS A 35 -9.77 -0.46 13.16
C LYS A 35 -10.17 0.48 14.30
N THR A 36 -9.34 0.50 15.33
CA THR A 36 -9.61 1.36 16.48
C THR A 36 -9.65 2.83 16.05
N VAL A 37 -10.06 3.67 16.99
CA VAL A 37 -10.15 5.09 16.73
C VAL A 37 -9.52 5.87 17.89
N THR A 38 -9.63 7.18 17.81
CA THR A 38 -9.07 8.05 18.84
C THR A 38 -10.11 8.31 19.92
N ALA A 39 -9.80 9.28 20.77
CA ALA A 39 -10.70 9.64 21.86
C ALA A 39 -11.02 8.39 22.68
N LEU A 40 -11.79 8.60 23.75
CA LEU A 40 -12.18 7.51 24.62
C LEU A 40 -10.96 6.63 24.91
N LYS A 41 -10.14 7.11 25.82
CA LYS A 41 -8.94 6.39 26.20
C LYS A 41 -9.31 4.94 26.55
N ALA A 42 -8.28 4.16 26.85
CA ALA A 42 -8.49 2.77 27.20
C ALA A 42 -7.17 2.18 27.71
N GLY A 43 -7.10 2.03 29.03
CA GLY A 43 -5.91 1.48 29.66
C GLY A 43 -6.26 0.32 30.60
N GLU A 44 -7.06 0.65 31.61
CA GLU A 44 -7.48 -0.34 32.58
C GLU A 44 -7.79 -1.67 31.89
N ASP A 45 -8.74 -1.61 30.96
CA ASP A 45 -9.15 -2.79 30.21
C ASP A 45 -8.46 -2.78 28.84
N MET A 1 25.98 1.95 -10.64
CA MET A 1 24.90 2.89 -10.88
C MET A 1 25.45 4.18 -11.50
N PHE A 2 25.76 4.09 -12.78
CA PHE A 2 26.30 5.24 -13.51
C PHE A 2 26.14 5.05 -15.02
N ILE A 3 25.11 4.31 -15.39
CA ILE A 3 24.84 4.05 -16.79
C ILE A 3 25.11 5.31 -17.61
N TRP A 4 26.08 5.19 -18.51
CA TRP A 4 26.45 6.32 -19.36
C TRP A 4 25.70 6.18 -20.69
N THR A 5 25.58 4.94 -21.13
CA THR A 5 24.88 4.65 -22.38
C THR A 5 23.66 5.57 -22.54
N SER A 6 22.91 5.68 -21.46
CA SER A 6 21.73 6.53 -21.45
C SER A 6 20.59 5.82 -22.20
N GLY A 7 20.08 4.77 -21.58
CA GLY A 7 19.00 4.00 -22.17
C GLY A 7 18.13 3.35 -21.09
N ARG A 8 17.95 2.05 -21.22
CA ARG A 8 17.14 1.31 -20.26
C ARG A 8 18.03 0.40 -19.40
N THR A 9 17.66 0.29 -18.14
CA THR A 9 18.41 -0.55 -17.22
C THR A 9 17.54 -1.70 -16.71
N SER A 10 18.04 -2.37 -15.68
CA SER A 10 17.32 -3.49 -15.09
C SER A 10 16.20 -2.97 -14.18
N SER A 11 15.85 -3.78 -13.21
CA SER A 11 14.80 -3.42 -12.27
C SER A 11 15.33 -2.39 -11.26
N SER A 12 15.73 -2.91 -10.10
CA SER A 12 16.26 -2.06 -9.05
C SER A 12 15.13 -1.22 -8.43
N TYR A 13 13.91 -1.53 -8.86
CA TYR A 13 12.74 -0.82 -8.36
C TYR A 13 11.79 -1.79 -7.64
N ARG A 14 11.55 -2.92 -8.26
CA ARG A 14 10.67 -3.93 -7.69
C ARG A 14 11.48 -5.00 -6.96
N HIS A 15 12.69 -5.23 -7.46
CA HIS A 15 13.57 -6.22 -6.87
C HIS A 15 13.62 -6.01 -5.36
N ASP A 16 13.35 -4.78 -4.95
CA ASP A 16 13.36 -4.44 -3.53
C ASP A 16 11.97 -4.67 -2.95
N GLU A 17 11.95 -5.32 -1.79
CA GLU A 17 10.69 -5.61 -1.12
C GLU A 17 10.28 -4.42 -0.25
N LYS A 18 11.28 -3.67 0.19
CA LYS A 18 11.02 -2.51 1.03
C LYS A 18 10.62 -1.33 0.15
N ARG A 19 10.48 -1.61 -1.14
CA ARG A 19 10.10 -0.58 -2.09
C ARG A 19 8.61 -0.70 -2.43
N ASN A 20 8.04 -1.81 -2.01
CA ASN A 20 6.62 -2.06 -2.26
C ASN A 20 5.90 -2.28 -0.93
N ILE A 21 6.34 -1.53 0.07
CA ILE A 21 5.75 -1.63 1.40
C ILE A 21 4.93 -0.37 1.69
N TYR A 22 5.38 0.73 1.10
CA TYR A 22 4.71 2.01 1.30
C TYR A 22 3.22 1.90 0.93
N GLN A 23 2.96 1.23 -0.19
CA GLN A 23 1.60 1.06 -0.65
C GLN A 23 0.85 0.10 0.27
N LYS A 24 1.60 -0.49 1.18
CA LYS A 24 1.02 -1.44 2.13
C LYS A 24 0.48 -0.67 3.34
N ILE A 25 1.40 -0.05 4.06
CA ILE A 25 1.04 0.72 5.24
C ILE A 25 -0.16 1.61 4.92
N ARG A 26 -0.03 2.35 3.81
CA ARG A 26 -1.09 3.24 3.38
C ARG A 26 -2.42 2.49 3.28
N ASP A 27 -2.31 1.19 3.05
CA ASP A 27 -3.48 0.35 2.93
C ASP A 27 -3.99 -0.01 4.33
N HIS A 28 -3.09 0.10 5.29
CA HIS A 28 -3.43 -0.21 6.67
C HIS A 28 -4.02 1.03 7.34
N ASP A 29 -3.74 2.18 6.75
CA ASP A 29 -4.25 3.44 7.27
C ASP A 29 -5.73 3.58 6.93
N LEU A 30 -6.12 2.92 5.85
CA LEU A 30 -7.49 2.96 5.40
C LEU A 30 -8.41 2.44 6.51
N LEU A 31 -7.79 1.74 7.46
CA LEU A 31 -8.53 1.18 8.57
C LEU A 31 -8.93 2.30 9.53
N ASP A 32 -9.81 3.16 9.04
CA ASP A 32 -10.28 4.28 9.84
C ASP A 32 -10.85 3.75 11.16
N LYS A 33 -11.17 2.47 11.17
CA LYS A 33 -11.72 1.84 12.35
C LYS A 33 -10.91 2.26 13.57
N ARG A 34 -9.62 2.50 13.33
CA ARG A 34 -8.72 2.92 14.39
C ARG A 34 -9.00 4.37 14.78
N LYS A 35 -8.22 5.26 14.20
CA LYS A 35 -8.36 6.69 14.46
C LYS A 35 -8.20 6.93 15.97
N THR A 36 -7.91 8.18 16.30
CA THR A 36 -7.72 8.56 17.69
C THR A 36 -6.84 7.54 18.41
N VAL A 37 -6.76 7.68 19.72
CA VAL A 37 -5.96 6.78 20.53
C VAL A 37 -4.60 6.61 19.87
N THR A 38 -3.84 5.64 20.40
CA THR A 38 -2.51 5.37 19.88
C THR A 38 -1.98 4.05 20.44
N ALA A 39 -0.69 3.83 20.23
CA ALA A 39 -0.06 2.61 20.71
C ALA A 39 1.45 2.72 20.53
N LEU A 40 2.18 1.92 21.28
CA LEU A 40 3.63 1.91 21.20
C LEU A 40 4.13 0.47 21.09
N LYS A 41 4.55 0.12 19.88
CA LYS A 41 5.05 -1.22 19.61
C LYS A 41 6.15 -1.55 20.64
N ALA A 42 6.65 -2.77 20.53
CA ALA A 42 7.69 -3.23 21.44
C ALA A 42 7.23 -3.04 22.88
N GLY A 43 8.10 -3.42 23.80
CA GLY A 43 7.80 -3.30 25.22
C GLY A 43 8.00 -4.64 25.94
N GLU A 44 7.14 -5.59 25.61
CA GLU A 44 7.21 -6.91 26.21
C GLU A 44 7.42 -6.79 27.72
N ASP A 45 6.35 -6.47 28.42
CA ASP A 45 6.41 -6.32 29.86
C ASP A 45 5.04 -5.86 30.38
N MET A 1 -4.47 -1.52 -7.76
CA MET A 1 -4.54 -2.57 -8.76
C MET A 1 -4.72 -1.97 -10.16
N PHE A 2 -3.74 -2.24 -11.01
CA PHE A 2 -3.77 -1.74 -12.37
C PHE A 2 -4.90 -2.38 -13.17
N ILE A 3 -4.90 -2.12 -14.46
CA ILE A 3 -5.93 -2.66 -15.34
C ILE A 3 -5.28 -3.60 -16.36
N TRP A 4 -5.84 -4.80 -16.47
CA TRP A 4 -5.33 -5.78 -17.39
C TRP A 4 -6.52 -6.39 -18.14
N THR A 5 -6.27 -6.74 -19.40
CA THR A 5 -7.30 -7.33 -20.24
C THR A 5 -6.68 -8.08 -21.41
N SER A 6 -6.72 -7.43 -22.58
CA SER A 6 -6.17 -8.02 -23.78
C SER A 6 -4.64 -8.03 -23.70
N GLY A 7 -4.13 -8.72 -22.68
CA GLY A 7 -2.70 -8.82 -22.49
C GLY A 7 -2.28 -8.20 -21.15
N ARG A 8 -1.65 -9.03 -20.33
CA ARG A 8 -1.20 -8.60 -19.02
C ARG A 8 0.02 -7.68 -19.16
N THR A 9 0.03 -6.64 -18.33
CA THR A 9 1.12 -5.68 -18.35
C THR A 9 2.29 -6.19 -17.50
N SER A 10 3.13 -5.26 -17.07
CA SER A 10 4.29 -5.60 -16.27
C SER A 10 3.87 -5.70 -14.79
N SER A 11 4.86 -6.00 -13.95
CA SER A 11 4.62 -6.11 -12.53
C SER A 11 4.68 -4.74 -11.87
N SER A 12 5.85 -4.43 -11.32
CA SER A 12 6.05 -3.15 -10.65
C SER A 12 5.27 -3.11 -9.34
N TYR A 13 4.69 -4.26 -9.00
CA TYR A 13 3.92 -4.37 -7.77
C TYR A 13 4.54 -5.39 -6.82
N ARG A 14 4.91 -6.54 -7.38
CA ARG A 14 5.52 -7.60 -6.59
C ARG A 14 7.04 -7.56 -6.74
N HIS A 15 7.48 -7.06 -7.88
CA HIS A 15 8.90 -6.96 -8.17
C HIS A 15 9.60 -6.20 -7.03
N ASP A 16 9.29 -4.91 -6.95
CA ASP A 16 9.88 -4.07 -5.94
C ASP A 16 9.95 -4.84 -4.62
N GLU A 17 11.03 -4.62 -3.89
CA GLU A 17 11.23 -5.29 -2.61
C GLU A 17 10.54 -4.52 -1.49
N LYS A 18 11.33 -3.68 -0.83
CA LYS A 18 10.80 -2.88 0.26
C LYS A 18 10.18 -1.61 -0.31
N ARG A 19 10.07 -1.57 -1.62
CA ARG A 19 9.49 -0.41 -2.30
C ARG A 19 7.97 -0.51 -2.32
N ASN A 20 7.49 -1.70 -1.98
CA ASN A 20 6.05 -1.94 -1.95
C ASN A 20 5.56 -1.91 -0.49
N ILE A 21 6.32 -1.20 0.33
CA ILE A 21 5.98 -1.08 1.73
C ILE A 21 5.04 0.10 1.93
N TYR A 22 5.43 1.24 1.36
CA TYR A 22 4.64 2.45 1.45
C TYR A 22 3.16 2.16 1.17
N GLN A 23 2.94 1.31 0.19
CA GLN A 23 1.59 0.94 -0.19
C GLN A 23 0.98 0.00 0.85
N LYS A 24 1.86 -0.72 1.53
CA LYS A 24 1.43 -1.66 2.55
C LYS A 24 0.82 -0.88 3.73
N ILE A 25 1.69 -0.14 4.41
CA ILE A 25 1.26 0.65 5.54
C ILE A 25 -0.01 1.41 5.18
N ARG A 26 0.04 2.08 4.05
CA ARG A 26 -1.10 2.85 3.57
C ARG A 26 -2.34 1.96 3.49
N ASP A 27 -2.10 0.68 3.28
CA ASP A 27 -3.19 -0.28 3.19
C ASP A 27 -3.77 -0.53 4.58
N HIS A 28 -2.98 -0.19 5.59
CA HIS A 28 -3.40 -0.37 6.96
C HIS A 28 -3.89 0.96 7.53
N ASP A 29 -3.77 1.99 6.71
CA ASP A 29 -4.20 3.32 7.12
C ASP A 29 -5.58 3.61 6.53
N LEU A 30 -5.83 3.03 5.36
CA LEU A 30 -7.10 3.22 4.69
C LEU A 30 -8.23 2.85 5.64
N LEU A 31 -7.89 2.06 6.65
CA LEU A 31 -8.86 1.62 7.63
C LEU A 31 -8.87 2.60 8.81
N ASP A 32 -8.59 3.86 8.49
CA ASP A 32 -8.56 4.89 9.51
C ASP A 32 -9.78 4.75 10.42
N LYS A 33 -10.95 4.71 9.78
CA LYS A 33 -12.20 4.58 10.50
C LYS A 33 -12.02 3.54 11.61
N ARG A 34 -11.17 2.57 11.34
CA ARG A 34 -10.91 1.51 12.31
C ARG A 34 -9.61 1.80 13.06
N LYS A 35 -8.71 2.49 12.38
CA LYS A 35 -7.42 2.83 12.98
C LYS A 35 -7.66 3.74 14.20
N THR A 36 -6.56 4.17 14.79
CA THR A 36 -6.63 5.04 15.96
C THR A 36 -5.24 5.56 16.32
N VAL A 37 -5.14 6.13 17.51
CA VAL A 37 -3.88 6.67 17.99
C VAL A 37 -3.28 7.59 16.92
N THR A 38 -2.14 8.16 17.25
CA THR A 38 -1.46 9.05 16.33
C THR A 38 -0.08 8.50 15.97
N ALA A 39 0.72 9.35 15.35
CA ALA A 39 2.06 8.96 14.94
C ALA A 39 2.85 8.52 16.18
N LEU A 40 4.03 7.96 15.93
CA LEU A 40 4.88 7.51 17.01
C LEU A 40 6.20 8.29 16.97
N LYS A 41 6.20 9.43 17.64
CA LYS A 41 7.37 10.27 17.69
C LYS A 41 8.46 9.57 18.52
N ALA A 42 9.63 10.20 18.54
CA ALA A 42 10.75 9.65 19.27
C ALA A 42 10.99 8.20 18.84
N GLY A 43 12.03 7.60 19.40
CA GLY A 43 12.37 6.23 19.08
C GLY A 43 13.66 5.80 19.80
N GLU A 44 14.74 6.48 19.46
CA GLU A 44 16.02 6.18 20.07
C GLU A 44 16.72 7.48 20.51
N ASP A 45 16.95 8.33 19.53
CA ASP A 45 17.61 9.61 19.80
C ASP A 45 17.00 10.70 18.91
N MET A 1 18.35 -11.74 -22.45
CA MET A 1 19.66 -12.38 -22.41
C MET A 1 20.78 -11.34 -22.30
N PHE A 2 21.26 -11.17 -21.08
CA PHE A 2 22.33 -10.21 -20.82
C PHE A 2 21.94 -8.82 -21.30
N ILE A 3 22.65 -7.82 -20.78
CA ILE A 3 22.39 -6.45 -21.14
C ILE A 3 23.71 -5.77 -21.52
N TRP A 4 23.62 -4.89 -22.51
CA TRP A 4 24.79 -4.17 -22.98
C TRP A 4 24.68 -2.72 -22.50
N THR A 5 23.45 -2.33 -22.20
CA THR A 5 23.19 -0.97 -21.72
C THR A 5 24.32 -0.53 -20.78
N SER A 6 24.11 -0.77 -19.49
CA SER A 6 25.08 -0.39 -18.49
C SER A 6 25.20 -1.50 -17.44
N GLY A 7 25.41 -2.72 -17.92
CA GLY A 7 25.55 -3.85 -17.04
C GLY A 7 24.22 -4.18 -16.35
N ARG A 8 23.78 -3.23 -15.54
CA ARG A 8 22.52 -3.39 -14.81
C ARG A 8 21.53 -2.31 -15.22
N THR A 9 20.25 -2.66 -15.13
CA THR A 9 19.20 -1.73 -15.50
C THR A 9 18.48 -1.23 -14.23
N SER A 10 17.34 -0.59 -14.46
CA SER A 10 16.55 -0.06 -13.36
C SER A 10 15.77 -1.19 -12.68
N SER A 11 15.91 -2.37 -13.25
CA SER A 11 15.22 -3.54 -12.72
C SER A 11 15.15 -3.45 -11.19
N SER A 12 16.22 -2.91 -10.62
CA SER A 12 16.30 -2.76 -9.18
C SER A 12 15.35 -1.65 -8.71
N TYR A 13 14.09 -1.78 -9.11
CA TYR A 13 13.08 -0.80 -8.75
C TYR A 13 11.88 -1.47 -8.09
N ARG A 14 11.43 -2.55 -8.72
CA ARG A 14 10.29 -3.29 -8.20
C ARG A 14 10.76 -4.49 -7.37
N HIS A 15 11.93 -4.98 -7.73
CA HIS A 15 12.50 -6.13 -7.03
C HIS A 15 12.44 -5.88 -5.52
N ASP A 16 13.17 -4.86 -5.09
CA ASP A 16 13.22 -4.51 -3.68
C ASP A 16 11.83 -4.71 -3.07
N GLU A 17 11.81 -5.36 -1.91
CA GLU A 17 10.57 -5.63 -1.22
C GLU A 17 10.19 -4.44 -0.34
N LYS A 18 11.20 -3.71 0.09
CA LYS A 18 10.99 -2.55 0.94
C LYS A 18 10.60 -1.36 0.07
N ARG A 19 10.44 -1.63 -1.22
CA ARG A 19 10.07 -0.60 -2.17
C ARG A 19 8.57 -0.70 -2.50
N ASN A 20 7.98 -1.81 -2.09
CA ASN A 20 6.56 -2.04 -2.33
C ASN A 20 5.85 -2.26 -1.00
N ILE A 21 6.30 -1.52 0.01
CA ILE A 21 5.72 -1.63 1.33
C ILE A 21 4.93 -0.36 1.63
N TYR A 22 5.38 0.74 1.05
CA TYR A 22 4.72 2.02 1.26
C TYR A 22 3.22 1.92 0.96
N GLN A 23 2.91 1.22 -0.13
CA GLN A 23 1.53 1.06 -0.54
C GLN A 23 0.81 0.11 0.42
N LYS A 24 1.60 -0.55 1.26
CA LYS A 24 1.06 -1.48 2.23
C LYS A 24 0.57 -0.71 3.46
N ILE A 25 1.51 -0.08 4.14
CA ILE A 25 1.19 0.70 5.32
C ILE A 25 -0.02 1.59 5.03
N ARG A 26 0.06 2.31 3.93
CA ARG A 26 -1.02 3.20 3.53
C ARG A 26 -2.34 2.42 3.47
N ASP A 27 -2.22 1.13 3.22
CA ASP A 27 -3.39 0.28 3.12
C ASP A 27 -3.93 0.02 4.52
N HIS A 28 -3.08 0.25 5.51
CA HIS A 28 -3.47 0.04 6.89
C HIS A 28 -4.24 1.25 7.40
N ASP A 29 -3.77 2.43 6.99
CA ASP A 29 -4.40 3.68 7.40
C ASP A 29 -5.85 3.70 6.88
N LEU A 30 -6.04 3.01 5.76
CA LEU A 30 -7.36 2.95 5.16
C LEU A 30 -8.33 2.27 6.12
N LEU A 31 -7.77 1.64 7.14
CA LEU A 31 -8.57 0.95 8.14
C LEU A 31 -8.94 1.94 9.24
N ASP A 32 -8.66 1.53 10.47
CA ASP A 32 -8.96 2.36 11.63
C ASP A 32 -7.99 2.03 12.76
N LYS A 33 -7.81 0.73 12.98
CA LYS A 33 -6.92 0.26 14.02
C LYS A 33 -5.68 1.15 14.08
N ARG A 34 -5.32 1.67 12.91
CA ARG A 34 -4.16 2.54 12.81
C ARG A 34 -4.37 3.80 13.65
N LYS A 35 -4.82 4.86 12.99
CA LYS A 35 -5.07 6.12 13.67
C LYS A 35 -5.70 5.85 15.04
N THR A 36 -6.94 5.39 15.01
CA THR A 36 -7.66 5.09 16.23
C THR A 36 -8.99 4.39 15.91
N VAL A 37 -9.83 4.31 16.92
CA VAL A 37 -11.13 3.67 16.76
C VAL A 37 -11.94 4.43 15.71
N THR A 38 -13.17 3.97 15.51
CA THR A 38 -14.06 4.60 14.55
C THR A 38 -14.03 6.12 14.71
N ALA A 39 -14.61 6.79 13.71
CA ALA A 39 -14.66 8.24 13.74
C ALA A 39 -15.56 8.73 12.60
N LEU A 40 -15.92 10.00 12.68
CA LEU A 40 -16.79 10.60 11.67
C LEU A 40 -15.93 11.10 10.51
N LYS A 41 -15.22 10.16 9.90
CA LYS A 41 -14.36 10.49 8.77
C LYS A 41 -15.16 11.27 7.73
N ALA A 42 -14.47 11.69 6.68
CA ALA A 42 -15.11 12.44 5.61
C ALA A 42 -16.29 11.65 5.07
N GLY A 43 -17.02 12.27 4.17
CA GLY A 43 -18.18 11.63 3.57
C GLY A 43 -18.41 12.16 2.15
N GLU A 44 -17.45 11.89 1.28
CA GLU A 44 -17.55 12.32 -0.11
C GLU A 44 -16.57 11.54 -0.98
N ASP A 45 -17.02 11.22 -2.19
CA ASP A 45 -16.19 10.48 -3.12
C ASP A 45 -14.86 11.21 -3.31
N MET A 1 -8.47 -5.20 -15.23
CA MET A 1 -7.25 -5.07 -16.02
C MET A 1 -6.59 -3.71 -15.78
N PHE A 2 -5.29 -3.76 -15.53
CA PHE A 2 -4.53 -2.55 -15.28
C PHE A 2 -4.48 -1.68 -16.53
N ILE A 3 -3.66 -0.63 -16.46
CA ILE A 3 -3.51 0.29 -17.57
C ILE A 3 -2.03 0.36 -17.96
N TRP A 4 -1.80 0.33 -19.26
CA TRP A 4 -0.44 0.39 -19.79
C TRP A 4 -0.43 1.40 -20.93
N THR A 5 0.70 2.09 -21.05
CA THR A 5 0.86 3.08 -22.10
C THR A 5 2.32 3.18 -22.53
N SER A 6 3.20 3.32 -21.54
CA SER A 6 4.62 3.41 -21.81
C SER A 6 5.35 3.89 -20.56
N GLY A 7 5.56 2.97 -19.63
CA GLY A 7 6.24 3.29 -18.40
C GLY A 7 7.34 2.26 -18.10
N ARG A 8 8.47 2.44 -18.78
CA ARG A 8 9.60 1.55 -18.60
C ARG A 8 10.75 2.28 -17.90
N THR A 9 11.44 1.55 -17.04
CA THR A 9 12.56 2.12 -16.32
C THR A 9 13.57 1.02 -15.94
N SER A 10 14.17 1.19 -14.77
CA SER A 10 15.14 0.23 -14.28
C SER A 10 14.42 -0.95 -13.61
N SER A 11 15.13 -2.06 -13.53
CA SER A 11 14.57 -3.26 -12.91
C SER A 11 14.78 -3.21 -11.40
N SER A 12 15.50 -2.18 -10.97
CA SER A 12 15.77 -2.01 -9.55
C SER A 12 14.65 -1.20 -8.89
N TYR A 13 13.43 -1.52 -9.28
CA TYR A 13 12.27 -0.83 -8.74
C TYR A 13 11.39 -1.79 -7.93
N ARG A 14 11.15 -2.96 -8.52
CA ARG A 14 10.33 -3.97 -7.87
C ARG A 14 11.21 -5.01 -7.17
N HIS A 15 12.41 -5.17 -7.71
CA HIS A 15 13.37 -6.11 -7.15
C HIS A 15 13.47 -5.90 -5.63
N ASP A 16 13.19 -4.67 -5.22
CA ASP A 16 13.25 -4.33 -3.81
C ASP A 16 11.88 -4.57 -3.18
N GLU A 17 11.91 -5.22 -2.02
CA GLU A 17 10.69 -5.53 -1.30
C GLU A 17 10.28 -4.34 -0.42
N LYS A 18 11.28 -3.57 -0.02
CA LYS A 18 11.04 -2.42 0.83
C LYS A 18 10.58 -1.24 -0.05
N ARG A 19 10.41 -1.53 -1.33
CA ARG A 19 9.98 -0.51 -2.27
C ARG A 19 8.47 -0.66 -2.56
N ASN A 20 7.93 -1.78 -2.11
CA ASN A 20 6.51 -2.06 -2.31
C ASN A 20 5.85 -2.28 -0.95
N ILE A 21 6.31 -1.52 0.03
CA ILE A 21 5.76 -1.63 1.38
C ILE A 21 4.94 -0.37 1.69
N TYR A 22 5.35 0.73 1.09
CA TYR A 22 4.67 2.00 1.29
C TYR A 22 3.17 1.86 1.00
N GLN A 23 2.88 1.19 -0.11
CA GLN A 23 1.49 0.99 -0.52
C GLN A 23 0.80 0.01 0.43
N LYS A 24 1.59 -0.55 1.33
CA LYS A 24 1.06 -1.50 2.30
C LYS A 24 0.58 -0.74 3.54
N ILE A 25 1.51 -0.10 4.21
CA ILE A 25 1.19 0.66 5.40
C ILE A 25 -0.03 1.55 5.12
N ARG A 26 0.04 2.26 4.01
CA ARG A 26 -1.04 3.15 3.63
C ARG A 26 -2.36 2.37 3.57
N ASP A 27 -2.23 1.07 3.31
CA ASP A 27 -3.40 0.22 3.22
C ASP A 27 -3.91 -0.10 4.63
N HIS A 28 -3.03 0.13 5.60
CA HIS A 28 -3.38 -0.12 6.98
C HIS A 28 -4.07 1.11 7.58
N ASP A 29 -3.77 2.25 6.99
CA ASP A 29 -4.34 3.50 7.44
C ASP A 29 -5.74 3.67 6.85
N LEU A 30 -5.93 3.06 5.69
CA LEU A 30 -7.21 3.13 5.01
C LEU A 30 -8.31 2.64 5.95
N LEU A 31 -7.92 1.75 6.86
CA LEU A 31 -8.86 1.20 7.83
C LEU A 31 -8.88 2.09 9.07
N ASP A 32 -8.34 3.29 8.91
CA ASP A 32 -8.30 4.23 10.01
C ASP A 32 -8.75 5.61 9.51
N LYS A 33 -8.21 6.00 8.36
CA LYS A 33 -8.54 7.28 7.77
C LYS A 33 -10.05 7.51 7.87
N ARG A 34 -10.79 6.41 7.82
CA ARG A 34 -12.23 6.48 7.90
C ARG A 34 -12.74 5.61 9.05
N LYS A 35 -12.14 4.44 9.17
CA LYS A 35 -12.50 3.51 10.23
C LYS A 35 -11.94 3.99 11.56
N THR A 36 -12.28 3.26 12.61
CA THR A 36 -11.82 3.61 13.95
C THR A 36 -10.29 3.44 14.03
N VAL A 37 -9.76 3.76 15.20
CA VAL A 37 -8.34 3.66 15.43
C VAL A 37 -8.06 2.49 16.38
N THR A 38 -6.86 2.48 16.93
CA THR A 38 -6.46 1.42 17.85
C THR A 38 -7.58 1.14 18.86
N ALA A 39 -7.40 0.05 19.59
CA ALA A 39 -8.39 -0.34 20.59
C ALA A 39 -7.82 -1.49 21.43
N LEU A 40 -8.64 -1.94 22.37
CA LEU A 40 -8.24 -3.03 23.24
C LEU A 40 -9.10 -4.25 22.95
N LYS A 41 -8.64 -5.04 21.99
CA LYS A 41 -9.36 -6.24 21.59
C LYS A 41 -9.65 -7.08 22.85
N ALA A 42 -10.32 -8.21 22.62
CA ALA A 42 -10.65 -9.11 23.71
C ALA A 42 -11.47 -8.34 24.76
N GLY A 43 -12.10 -9.10 25.63
CA GLY A 43 -12.92 -8.52 26.68
C GLY A 43 -13.29 -9.56 27.74
N GLU A 44 -14.08 -10.54 27.31
CA GLU A 44 -14.50 -11.60 28.21
C GLU A 44 -15.38 -11.03 29.33
N ASP A 45 -16.29 -11.86 29.80
CA ASP A 45 -17.19 -11.45 30.87
C ASP A 45 -16.45 -11.48 32.20
N MET A 1 29.18 23.09 5.45
CA MET A 1 29.51 22.62 4.12
C MET A 1 30.18 21.24 4.17
N PHE A 2 30.37 20.66 2.99
CA PHE A 2 30.99 19.35 2.89
C PHE A 2 30.23 18.32 3.72
N ILE A 3 30.41 17.06 3.35
CA ILE A 3 29.75 15.97 4.04
C ILE A 3 29.84 16.21 5.56
N TRP A 4 28.69 16.46 6.16
CA TRP A 4 28.63 16.70 7.59
C TRP A 4 27.83 15.56 8.22
N THR A 5 26.76 15.16 7.54
CA THR A 5 25.92 14.09 8.02
C THR A 5 26.77 12.93 8.53
N SER A 6 26.99 11.97 7.66
CA SER A 6 27.79 10.80 8.01
C SER A 6 28.09 9.98 6.75
N GLY A 7 28.87 10.57 5.87
CA GLY A 7 29.25 9.90 4.63
C GLY A 7 28.06 9.15 4.04
N ARG A 8 27.29 9.85 3.23
CA ARG A 8 26.13 9.26 2.60
C ARG A 8 26.46 7.87 2.07
N THR A 9 25.44 7.03 2.01
CA THR A 9 25.62 5.67 1.52
C THR A 9 24.99 5.52 0.14
N SER A 10 24.88 4.26 -0.29
CA SER A 10 24.30 3.96 -1.59
C SER A 10 22.79 4.17 -1.55
N SER A 11 22.15 3.86 -2.68
CA SER A 11 20.71 4.00 -2.79
C SER A 11 20.01 2.75 -2.23
N SER A 12 20.83 1.77 -1.88
CA SER A 12 20.31 0.53 -1.34
C SER A 12 20.15 0.64 0.18
N TYR A 13 19.65 1.78 0.61
CA TYR A 13 19.46 2.03 2.03
C TYR A 13 17.97 2.22 2.34
N ARG A 14 17.32 3.04 1.52
CA ARG A 14 15.91 3.31 1.71
C ARG A 14 15.08 2.47 0.74
N HIS A 15 15.68 2.18 -0.41
CA HIS A 15 15.00 1.38 -1.43
C HIS A 15 14.77 -0.04 -0.90
N ASP A 16 15.60 -0.95 -1.37
CA ASP A 16 15.50 -2.34 -0.95
C ASP A 16 14.07 -2.84 -1.20
N GLU A 17 13.89 -4.14 -1.02
CA GLU A 17 12.59 -4.75 -1.23
C GLU A 17 11.52 -3.96 -0.48
N LYS A 18 11.96 -3.19 0.50
CA LYS A 18 11.06 -2.39 1.30
C LYS A 18 10.65 -1.15 0.50
N ARG A 19 10.36 -1.37 -0.78
CA ARG A 19 9.96 -0.28 -1.66
C ARG A 19 8.51 -0.48 -2.13
N ASN A 20 8.04 -1.71 -1.96
CA ASN A 20 6.69 -2.06 -2.36
C ASN A 20 5.84 -2.29 -1.11
N ILE A 21 6.22 -1.62 -0.04
CA ILE A 21 5.51 -1.75 1.22
C ILE A 21 4.74 -0.45 1.50
N TYR A 22 5.28 0.65 1.00
CA TYR A 22 4.66 1.94 1.18
C TYR A 22 3.17 1.89 0.85
N GLN A 23 2.86 1.18 -0.21
CA GLN A 23 1.48 1.02 -0.64
C GLN A 23 0.72 0.10 0.30
N LYS A 24 1.49 -0.74 1.00
CA LYS A 24 0.90 -1.68 1.93
C LYS A 24 0.40 -0.92 3.17
N ILE A 25 1.34 -0.35 3.90
CA ILE A 25 1.00 0.41 5.09
C ILE A 25 -0.17 1.35 4.79
N ARG A 26 -0.01 2.09 3.70
CA ARG A 26 -1.04 3.03 3.29
C ARG A 26 -2.38 2.32 3.15
N ASP A 27 -2.30 1.03 2.86
CA ASP A 27 -3.51 0.23 2.70
C ASP A 27 -4.09 -0.09 4.08
N HIS A 28 -3.25 0.06 5.09
CA HIS A 28 -3.67 -0.21 6.46
C HIS A 28 -4.25 1.06 7.08
N ASP A 29 -3.58 2.17 6.81
CA ASP A 29 -4.01 3.46 7.33
C ASP A 29 -5.50 3.64 7.03
N LEU A 30 -5.95 2.98 5.98
CA LEU A 30 -7.34 3.06 5.58
C LEU A 30 -8.23 2.66 6.75
N LEU A 31 -7.63 1.96 7.71
CA LEU A 31 -8.35 1.52 8.89
C LEU A 31 -8.61 2.72 9.80
N ASP A 32 -9.45 3.63 9.31
CA ASP A 32 -9.79 4.82 10.07
C ASP A 32 -11.23 4.71 10.54
N LYS A 33 -11.99 3.86 9.87
CA LYS A 33 -13.39 3.66 10.21
C LYS A 33 -13.54 3.59 11.73
N ARG A 34 -12.49 3.07 12.37
CA ARG A 34 -12.49 2.94 13.81
C ARG A 34 -11.51 3.93 14.43
N LYS A 35 -10.46 4.23 13.67
CA LYS A 35 -9.44 5.16 14.13
C LYS A 35 -10.01 6.58 14.14
N THR A 36 -9.14 7.53 14.43
CA THR A 36 -9.54 8.92 14.48
C THR A 36 -10.08 9.37 13.12
N VAL A 37 -10.68 10.55 13.12
CA VAL A 37 -11.24 11.10 11.89
C VAL A 37 -10.20 12.00 11.23
N THR A 38 -10.63 12.67 10.17
CA THR A 38 -9.75 13.56 9.43
C THR A 38 -8.94 14.43 10.39
N ALA A 39 -7.97 15.12 9.83
CA ALA A 39 -7.12 16.00 10.62
C ALA A 39 -6.25 16.85 9.70
N LEU A 40 -5.59 17.83 10.28
CA LEU A 40 -4.73 18.72 9.52
C LEU A 40 -5.45 19.14 8.25
N LYS A 41 -6.14 20.27 8.34
CA LYS A 41 -6.88 20.79 7.20
C LYS A 41 -5.94 20.88 5.99
N ALA A 42 -6.51 21.32 4.88
CA ALA A 42 -5.74 21.45 3.65
C ALA A 42 -6.58 22.18 2.60
N GLY A 43 -6.01 23.26 2.07
CA GLY A 43 -6.69 24.05 1.07
C GLY A 43 -5.76 24.37 -0.10
N GLU A 44 -5.34 25.62 -0.16
CA GLU A 44 -4.45 26.06 -1.22
C GLU A 44 -3.21 26.75 -0.63
N ASP A 45 -3.46 27.58 0.37
CA ASP A 45 -2.38 28.29 1.03
C ASP A 45 -1.66 29.17 0.00
N MET A 1 38.92 3.13 -7.28
CA MET A 1 38.69 2.09 -6.29
C MET A 1 37.64 2.53 -5.26
N PHE A 2 36.39 2.23 -5.57
CA PHE A 2 35.29 2.58 -4.68
C PHE A 2 35.28 4.09 -4.40
N ILE A 3 34.15 4.56 -3.93
CA ILE A 3 33.99 5.97 -3.61
C ILE A 3 34.35 6.20 -2.14
N TRP A 4 35.32 7.08 -1.94
CA TRP A 4 35.77 7.40 -0.59
C TRP A 4 35.38 8.85 -0.30
N THR A 5 35.51 9.69 -1.32
CA THR A 5 35.17 11.09 -1.18
C THR A 5 33.88 11.26 -0.39
N SER A 6 32.77 11.19 -1.12
CA SER A 6 31.46 11.32 -0.49
C SER A 6 30.37 11.33 -1.57
N GLY A 7 30.14 10.14 -2.12
CA GLY A 7 29.13 9.99 -3.17
C GLY A 7 28.68 8.54 -3.26
N ARG A 8 27.90 8.11 -2.27
CA ARG A 8 27.40 6.76 -2.24
C ARG A 8 26.75 6.40 -3.58
N THR A 9 26.99 5.18 -4.01
CA THR A 9 26.44 4.70 -5.27
C THR A 9 24.92 4.60 -5.18
N SER A 10 24.37 3.64 -5.92
CA SER A 10 22.94 3.43 -5.94
C SER A 10 22.39 3.47 -4.51
N SER A 11 21.07 3.51 -4.41
CA SER A 11 20.41 3.55 -3.12
C SER A 11 20.81 2.33 -2.29
N SER A 12 19.97 1.31 -2.34
CA SER A 12 20.23 0.08 -1.60
C SER A 12 20.06 0.33 -0.10
N TYR A 13 19.59 1.52 0.22
CA TYR A 13 19.38 1.90 1.61
C TYR A 13 17.91 2.21 1.88
N ARG A 14 17.32 2.99 0.97
CA ARG A 14 15.93 3.36 1.10
C ARG A 14 15.06 2.50 0.18
N HIS A 15 15.66 2.08 -0.92
CA HIS A 15 14.96 1.26 -1.88
C HIS A 15 14.71 -0.13 -1.30
N ASP A 16 15.53 -1.08 -1.75
CA ASP A 16 15.42 -2.46 -1.27
C ASP A 16 13.98 -2.94 -1.48
N GLU A 17 13.79 -4.24 -1.26
CA GLU A 17 12.47 -4.83 -1.41
C GLU A 17 11.43 -4.03 -0.64
N LYS A 18 11.92 -3.24 0.31
CA LYS A 18 11.04 -2.42 1.13
C LYS A 18 10.62 -1.18 0.32
N ARG A 19 10.28 -1.42 -0.93
CA ARG A 19 9.87 -0.34 -1.82
C ARG A 19 8.40 -0.54 -2.24
N ASN A 20 7.93 -1.77 -2.05
CA ASN A 20 6.56 -2.10 -2.40
C ASN A 20 5.75 -2.31 -1.13
N ILE A 21 6.18 -1.63 -0.06
CA ILE A 21 5.50 -1.74 1.22
C ILE A 21 4.75 -0.45 1.50
N TYR A 22 5.29 0.65 0.98
CA TYR A 22 4.69 1.95 1.17
C TYR A 22 3.19 1.91 0.90
N GLN A 23 2.83 1.18 -0.15
CA GLN A 23 1.42 1.05 -0.53
C GLN A 23 0.70 0.13 0.46
N LYS A 24 1.48 -0.71 1.13
CA LYS A 24 0.93 -1.65 2.09
C LYS A 24 0.47 -0.88 3.33
N ILE A 25 1.44 -0.29 4.02
CA ILE A 25 1.15 0.48 5.22
C ILE A 25 -0.02 1.42 4.94
N ARG A 26 0.09 2.15 3.84
CA ARG A 26 -0.94 3.09 3.46
C ARG A 26 -2.31 2.38 3.40
N ASP A 27 -2.25 1.08 3.14
CA ASP A 27 -3.47 0.29 3.05
C ASP A 27 -3.97 0.00 4.46
N HIS A 28 -3.07 0.12 5.43
CA HIS A 28 -3.43 -0.13 6.81
C HIS A 28 -4.06 1.13 7.42
N ASP A 29 -3.67 2.27 6.88
CA ASP A 29 -4.19 3.54 7.34
C ASP A 29 -5.64 3.70 6.88
N LEU A 30 -5.94 3.06 5.76
CA LEU A 30 -7.28 3.13 5.21
C LEU A 30 -8.29 2.68 6.26
N LEU A 31 -7.82 1.82 7.15
CA LEU A 31 -8.67 1.31 8.22
C LEU A 31 -8.46 2.14 9.49
N ASP A 32 -7.84 3.31 9.29
CA ASP A 32 -7.57 4.20 10.40
C ASP A 32 -8.45 5.45 10.26
N LYS A 33 -8.94 5.66 9.04
CA LYS A 33 -9.79 6.80 8.76
C LYS A 33 -10.83 6.95 9.87
N ARG A 34 -11.23 5.79 10.40
CA ARG A 34 -12.23 5.77 11.46
C ARG A 34 -11.59 5.33 12.78
N LYS A 35 -10.51 4.58 12.66
CA LYS A 35 -9.80 4.09 13.82
C LYS A 35 -10.80 3.62 14.86
N THR A 36 -11.04 4.47 15.85
CA THR A 36 -11.97 4.14 16.92
C THR A 36 -11.75 2.71 17.41
N VAL A 37 -12.69 2.25 18.22
CA VAL A 37 -12.61 0.90 18.77
C VAL A 37 -13.70 0.04 18.12
N THR A 38 -13.57 -1.27 18.32
CA THR A 38 -14.52 -2.21 17.77
C THR A 38 -15.45 -2.74 18.86
N ALA A 39 -16.19 -3.78 18.52
CA ALA A 39 -17.12 -4.38 19.46
C ALA A 39 -17.67 -5.69 18.87
N LEU A 40 -18.20 -6.52 19.75
CA LEU A 40 -18.75 -7.79 19.34
C LEU A 40 -17.77 -8.49 18.38
N LYS A 41 -16.60 -8.79 18.91
CA LYS A 41 -15.56 -9.44 18.13
C LYS A 41 -16.15 -10.70 17.48
N ALA A 42 -15.32 -11.35 16.68
CA ALA A 42 -15.75 -12.57 15.99
C ALA A 42 -17.01 -12.26 15.17
N GLY A 43 -17.37 -13.23 14.34
CA GLY A 43 -18.55 -13.08 13.50
C GLY A 43 -19.35 -14.39 13.43
N GLU A 44 -18.69 -15.42 12.93
CA GLU A 44 -19.31 -16.73 12.82
C GLU A 44 -18.26 -17.81 12.61
N ASP A 45 -17.97 -18.54 13.68
CA ASP A 45 -16.99 -19.60 13.62
C ASP A 45 -15.64 -19.02 13.23
N MET A 1 7.98 -22.42 -29.89
CA MET A 1 7.88 -22.12 -28.47
C MET A 1 7.92 -20.61 -28.22
N PHE A 2 7.07 -19.90 -28.95
CA PHE A 2 6.99 -18.46 -28.82
C PHE A 2 6.55 -18.07 -27.41
N ILE A 3 6.23 -16.79 -27.26
CA ILE A 3 5.79 -16.28 -25.98
C ILE A 3 4.39 -15.65 -26.13
N TRP A 4 3.54 -15.96 -25.17
CA TRP A 4 2.18 -15.45 -25.18
C TRP A 4 1.87 -14.90 -23.79
N THR A 5 1.10 -13.81 -23.77
CA THR A 5 0.73 -13.19 -22.52
C THR A 5 -0.61 -12.45 -22.67
N SER A 6 -0.68 -11.28 -22.06
CA SER A 6 -1.89 -10.48 -22.12
C SER A 6 -1.54 -8.99 -22.02
N GLY A 7 -0.81 -8.53 -23.02
CA GLY A 7 -0.39 -7.13 -23.06
C GLY A 7 0.08 -6.66 -21.70
N ARG A 8 1.00 -7.42 -21.12
CA ARG A 8 1.53 -7.09 -19.81
C ARG A 8 2.05 -5.64 -19.80
N THR A 9 1.72 -4.94 -18.72
CA THR A 9 2.15 -3.55 -18.58
C THR A 9 3.55 -3.49 -17.98
N SER A 10 3.86 -2.34 -17.40
CA SER A 10 5.16 -2.14 -16.79
C SER A 10 5.17 -2.71 -15.36
N SER A 11 6.37 -2.87 -14.84
CA SER A 11 6.54 -3.40 -13.50
C SER A 11 5.93 -2.44 -12.47
N SER A 12 6.80 -1.61 -11.90
CA SER A 12 6.37 -0.64 -10.91
C SER A 12 5.97 -1.34 -9.62
N TYR A 13 6.23 -2.64 -9.58
CA TYR A 13 5.90 -3.44 -8.42
C TYR A 13 7.17 -4.05 -7.80
N ARG A 14 8.01 -4.60 -8.67
CA ARG A 14 9.25 -5.21 -8.22
C ARG A 14 10.41 -4.23 -8.37
N HIS A 15 10.28 -3.37 -9.37
CA HIS A 15 11.31 -2.38 -9.64
C HIS A 15 11.69 -1.66 -8.34
N ASP A 16 10.72 -1.59 -7.45
CA ASP A 16 10.94 -0.94 -6.16
C ASP A 16 11.27 -2.00 -5.11
N GLU A 17 12.18 -1.63 -4.22
CA GLU A 17 12.60 -2.53 -3.16
C GLU A 17 11.64 -2.44 -1.97
N LYS A 18 12.03 -1.61 -1.01
CA LYS A 18 11.22 -1.41 0.19
C LYS A 18 10.17 -0.34 -0.09
N ARG A 19 10.11 0.08 -1.34
CA ARG A 19 9.16 1.10 -1.75
C ARG A 19 7.77 0.48 -1.96
N ASN A 20 7.75 -0.85 -1.97
CA ASN A 20 6.51 -1.57 -2.16
C ASN A 20 6.00 -2.07 -0.81
N ILE A 21 6.46 -1.40 0.24
CA ILE A 21 6.06 -1.77 1.59
C ILE A 21 4.74 -1.08 1.94
N TYR A 22 4.75 0.24 1.77
CA TYR A 22 3.56 1.03 2.07
C TYR A 22 2.33 0.42 1.41
N GLN A 23 2.52 -0.10 0.20
CA GLN A 23 1.44 -0.71 -0.53
C GLN A 23 0.49 -1.45 0.42
N LYS A 24 1.07 -1.95 1.51
CA LYS A 24 0.29 -2.67 2.50
C LYS A 24 0.03 -1.77 3.69
N ILE A 25 1.09 -1.47 4.42
CA ILE A 25 1.00 -0.62 5.59
C ILE A 25 0.10 0.58 5.26
N ARG A 26 0.58 1.40 4.34
CA ARG A 26 -0.16 2.58 3.93
C ARG A 26 -1.60 2.20 3.56
N ASP A 27 -1.77 0.93 3.20
CA ASP A 27 -3.08 0.44 2.82
C ASP A 27 -3.94 0.27 4.08
N HIS A 28 -3.26 0.04 5.19
CA HIS A 28 -3.94 -0.15 6.46
C HIS A 28 -4.21 1.22 7.10
N ASP A 29 -3.44 2.21 6.67
CA ASP A 29 -3.59 3.55 7.19
C ASP A 29 -4.92 4.14 6.71
N LEU A 30 -5.32 3.70 5.52
CA LEU A 30 -6.56 4.17 4.94
C LEU A 30 -7.73 3.79 5.85
N LEU A 31 -7.52 2.73 6.62
CA LEU A 31 -8.54 2.26 7.53
C LEU A 31 -8.64 3.22 8.72
N ASP A 32 -9.08 4.43 8.43
CA ASP A 32 -9.22 5.44 9.46
C ASP A 32 -10.71 5.74 9.67
N LYS A 33 -11.52 5.29 8.73
CA LYS A 33 -12.96 5.50 8.80
C LYS A 33 -13.43 5.22 10.23
N ARG A 34 -12.74 4.29 10.88
CA ARG A 34 -13.09 3.93 12.25
C ARG A 34 -11.98 4.39 13.21
N LYS A 35 -10.79 4.57 12.66
CA LYS A 35 -9.66 5.01 13.46
C LYS A 35 -9.42 4.02 14.59
N THR A 36 -8.22 4.06 15.14
CA THR A 36 -7.85 3.17 16.23
C THR A 36 -8.85 3.32 17.39
N VAL A 37 -8.84 2.32 18.25
CA VAL A 37 -9.73 2.33 19.41
C VAL A 37 -9.26 3.39 20.41
N THR A 38 -10.10 3.67 21.38
CA THR A 38 -9.79 4.65 22.40
C THR A 38 -8.41 4.37 23.00
N ALA A 39 -7.78 5.42 23.51
CA ALA A 39 -6.47 5.29 24.11
C ALA A 39 -6.53 4.29 25.27
N LEU A 40 -5.40 4.14 25.94
CA LEU A 40 -5.32 3.22 27.06
C LEU A 40 -5.15 4.01 28.36
N LYS A 41 -6.19 4.76 28.69
CA LYS A 41 -6.17 5.57 29.90
C LYS A 41 -5.77 4.70 31.09
N ALA A 42 -5.67 5.33 32.25
CA ALA A 42 -5.30 4.63 33.46
C ALA A 42 -5.48 5.56 34.66
N GLY A 43 -6.54 5.28 35.43
CA GLY A 43 -6.84 6.08 36.59
C GLY A 43 -7.03 5.20 37.83
N GLU A 44 -5.93 4.59 38.25
CA GLU A 44 -5.95 3.71 39.41
C GLU A 44 -7.22 2.84 39.39
N ASP A 45 -7.11 1.71 38.71
CA ASP A 45 -8.23 0.79 38.61
C ASP A 45 -7.71 -0.59 38.20
N MET A 1 14.49 13.10 21.52
CA MET A 1 14.18 11.73 21.18
C MET A 1 14.82 11.34 19.84
N PHE A 2 14.80 10.04 19.56
CA PHE A 2 15.37 9.53 18.33
C PHE A 2 16.83 9.97 18.18
N ILE A 3 17.52 9.33 17.24
CA ILE A 3 18.91 9.64 17.00
C ILE A 3 19.01 10.71 15.91
N TRP A 4 19.68 11.80 16.25
CA TRP A 4 19.85 12.90 15.31
C TRP A 4 21.26 12.80 14.72
N THR A 5 22.13 12.13 15.46
CA THR A 5 23.51 11.96 15.01
C THR A 5 23.55 11.28 13.65
N SER A 6 22.83 10.16 13.56
CA SER A 6 22.79 9.40 12.33
C SER A 6 21.43 9.62 11.64
N GLY A 7 21.24 10.83 11.15
CA GLY A 7 20.01 11.17 10.47
C GLY A 7 19.72 10.20 9.32
N ARG A 8 19.90 10.70 8.10
CA ARG A 8 19.67 9.89 6.92
C ARG A 8 20.94 9.11 6.55
N THR A 9 20.74 7.87 6.14
CA THR A 9 21.85 7.01 5.76
C THR A 9 21.88 6.83 4.24
N SER A 10 22.69 5.87 3.81
CA SER A 10 22.81 5.58 2.39
C SER A 10 21.43 5.44 1.76
N SER A 11 21.42 5.23 0.45
CA SER A 11 20.18 5.08 -0.28
C SER A 11 19.56 3.71 0.03
N SER A 12 20.30 2.92 0.79
CA SER A 12 19.84 1.59 1.17
C SER A 12 19.00 1.67 2.44
N TYR A 13 18.15 2.68 2.50
CA TYR A 13 17.29 2.88 3.65
C TYR A 13 15.82 2.75 3.27
N ARG A 14 15.47 3.40 2.17
CA ARG A 14 14.10 3.36 1.68
C ARG A 14 13.96 2.35 0.55
N HIS A 15 15.05 2.18 -0.19
CA HIS A 15 15.08 1.25 -1.30
C HIS A 15 14.82 -0.17 -0.79
N ASP A 16 15.63 -1.10 -1.27
CA ASP A 16 15.51 -2.49 -0.87
C ASP A 16 14.07 -2.96 -1.13
N GLU A 17 13.88 -4.27 -0.97
CA GLU A 17 12.56 -4.84 -1.18
C GLU A 17 11.49 -4.04 -0.43
N LYS A 18 11.95 -3.29 0.55
CA LYS A 18 11.04 -2.47 1.34
C LYS A 18 10.67 -1.22 0.54
N ARG A 19 10.37 -1.44 -0.73
CA ARG A 19 9.98 -0.35 -1.61
C ARG A 19 8.55 -0.54 -2.09
N ASN A 20 8.05 -1.76 -1.93
CA ASN A 20 6.70 -2.08 -2.34
C ASN A 20 5.83 -2.31 -1.09
N ILE A 21 6.22 -1.65 -0.01
CA ILE A 21 5.50 -1.77 1.25
C ILE A 21 4.75 -0.47 1.52
N TYR A 22 5.32 0.62 1.03
CA TYR A 22 4.72 1.93 1.22
C TYR A 22 3.22 1.90 0.87
N GLN A 23 2.91 1.20 -0.21
CA GLN A 23 1.53 1.08 -0.66
C GLN A 23 0.75 0.16 0.28
N LYS A 24 1.49 -0.66 1.00
CA LYS A 24 0.88 -1.60 1.92
C LYS A 24 0.37 -0.83 3.16
N ILE A 25 1.32 -0.26 3.88
CA ILE A 25 0.97 0.51 5.07
C ILE A 25 -0.19 1.45 4.76
N ARG A 26 -0.03 2.19 3.67
CA ARG A 26 -1.05 3.13 3.25
C ARG A 26 -2.40 2.42 3.10
N ASP A 27 -2.32 1.12 2.81
CA ASP A 27 -3.52 0.32 2.64
C ASP A 27 -4.07 -0.05 4.00
N HIS A 28 -3.22 0.08 5.02
CA HIS A 28 -3.62 -0.24 6.38
C HIS A 28 -4.05 1.03 7.10
N ASP A 29 -3.76 2.16 6.47
CA ASP A 29 -4.12 3.45 7.03
C ASP A 29 -5.63 3.65 6.95
N LEU A 30 -6.22 3.03 5.93
CA LEU A 30 -7.65 3.13 5.71
C LEU A 30 -8.38 2.69 6.98
N LEU A 31 -7.71 1.86 7.76
CA LEU A 31 -8.28 1.37 9.00
C LEU A 31 -7.90 2.30 10.15
N ASP A 32 -7.48 3.50 9.76
CA ASP A 32 -7.08 4.50 10.75
C ASP A 32 -8.05 4.46 11.93
N LYS A 33 -7.49 4.50 13.12
CA LYS A 33 -8.28 4.47 14.34
C LYS A 33 -8.80 5.87 14.64
N ARG A 34 -7.90 6.84 14.49
CA ARG A 34 -8.25 8.23 14.75
C ARG A 34 -8.59 8.94 13.44
N LYS A 35 -7.70 8.81 12.47
CA LYS A 35 -7.91 9.42 11.18
C LYS A 35 -9.37 9.29 10.77
N THR A 36 -9.88 8.07 10.91
CA THR A 36 -11.26 7.80 10.56
C THR A 36 -12.20 8.61 11.44
N VAL A 37 -13.47 8.24 11.40
CA VAL A 37 -14.48 8.92 12.19
C VAL A 37 -14.30 10.43 12.05
N THR A 38 -15.03 11.17 12.86
CA THR A 38 -14.95 12.62 12.84
C THR A 38 -13.52 13.08 13.14
N ALA A 39 -13.39 14.38 13.38
CA ALA A 39 -12.10 14.95 13.68
C ALA A 39 -12.28 16.41 14.15
N LEU A 40 -11.17 17.04 14.48
CA LEU A 40 -11.19 18.41 14.95
C LEU A 40 -10.41 19.29 13.97
N LYS A 41 -11.05 19.61 12.86
CA LYS A 41 -10.44 20.43 11.83
C LYS A 41 -9.89 21.71 12.48
N ALA A 42 -9.26 22.53 11.66
CA ALA A 42 -8.69 23.77 12.13
C ALA A 42 -7.76 23.50 13.32
N GLY A 43 -7.12 24.55 13.79
CA GLY A 43 -6.20 24.43 14.91
C GLY A 43 -6.11 25.74 15.70
N GLU A 44 -5.32 26.65 15.17
CA GLU A 44 -5.13 27.94 15.81
C GLU A 44 -4.34 28.88 14.90
N ASP A 45 -4.83 30.11 14.80
CA ASP A 45 -4.17 31.11 13.97
C ASP A 45 -4.43 30.79 12.50
N MET A 1 -26.67 -9.56 -7.00
CA MET A 1 -26.13 -9.68 -8.34
C MET A 1 -24.64 -9.36 -8.37
N PHE A 2 -23.93 -9.87 -7.38
CA PHE A 2 -22.50 -9.65 -7.27
C PHE A 2 -21.77 -10.17 -8.52
N ILE A 3 -20.45 -10.25 -8.41
CA ILE A 3 -19.64 -10.73 -9.51
C ILE A 3 -19.04 -12.09 -9.15
N TRP A 4 -19.08 -12.99 -10.12
CA TRP A 4 -18.55 -14.33 -9.91
C TRP A 4 -17.09 -14.33 -10.37
N THR A 5 -16.77 -13.35 -11.21
CA THR A 5 -15.41 -13.24 -11.73
C THR A 5 -14.40 -13.63 -10.66
N SER A 6 -13.96 -12.64 -9.90
CA SER A 6 -12.99 -12.86 -8.84
C SER A 6 -11.94 -13.87 -9.30
N GLY A 7 -10.87 -13.35 -9.89
CA GLY A 7 -9.80 -14.20 -10.38
C GLY A 7 -8.44 -13.67 -9.91
N ARG A 8 -7.53 -13.55 -10.87
CA ARG A 8 -6.19 -13.07 -10.57
C ARG A 8 -6.19 -11.54 -10.51
N THR A 9 -5.33 -11.02 -9.65
CA THR A 9 -5.21 -9.58 -9.48
C THR A 9 -3.85 -9.09 -9.96
N SER A 10 -3.54 -7.85 -9.62
CA SER A 10 -2.27 -7.26 -10.00
C SER A 10 -1.18 -7.64 -8.99
N SER A 11 0.05 -7.64 -9.47
CA SER A 11 1.18 -7.99 -8.63
C SER A 11 1.59 -6.78 -7.77
N SER A 12 2.63 -6.09 -8.24
CA SER A 12 3.12 -4.92 -7.54
C SER A 12 3.08 -5.16 -6.03
N TYR A 13 3.31 -6.41 -5.66
CA TYR A 13 3.30 -6.79 -4.25
C TYR A 13 4.56 -7.58 -3.88
N ARG A 14 4.90 -8.52 -4.75
CA ARG A 14 6.08 -9.36 -4.53
C ARG A 14 7.26 -8.81 -5.34
N HIS A 15 6.99 -8.54 -6.60
CA HIS A 15 8.02 -8.03 -7.49
C HIS A 15 8.88 -7.00 -6.74
N ASP A 16 8.20 -6.09 -6.06
CA ASP A 16 8.88 -5.05 -5.30
C ASP A 16 9.06 -5.52 -3.85
N GLU A 17 10.27 -5.35 -3.35
CA GLU A 17 10.58 -5.75 -1.99
C GLU A 17 10.23 -4.62 -1.01
N LYS A 18 11.18 -3.71 -0.85
CA LYS A 18 11.00 -2.58 0.05
C LYS A 18 10.30 -1.45 -0.70
N ARG A 19 9.73 -1.81 -1.86
CA ARG A 19 9.04 -0.84 -2.68
C ARG A 19 7.52 -1.09 -2.63
N ASN A 20 7.17 -2.23 -2.05
CA ASN A 20 5.77 -2.59 -1.94
C ASN A 20 5.36 -2.59 -0.47
N ILE A 21 6.07 -1.79 0.31
CA ILE A 21 5.80 -1.68 1.73
C ILE A 21 5.12 -0.34 2.02
N TYR A 22 5.56 0.68 1.28
CA TYR A 22 5.00 2.01 1.45
C TYR A 22 3.48 1.99 1.35
N GLN A 23 2.99 1.24 0.36
CA GLN A 23 1.56 1.12 0.15
C GLN A 23 0.90 0.43 1.34
N LYS A 24 1.66 -0.44 1.97
CA LYS A 24 1.16 -1.18 3.13
C LYS A 24 0.73 -0.19 4.21
N ILE A 25 1.70 0.61 4.66
CA ILE A 25 1.44 1.59 5.69
C ILE A 25 0.12 2.31 5.39
N ARG A 26 0.06 2.88 4.20
CA ARG A 26 -1.13 3.59 3.76
C ARG A 26 -2.35 2.65 3.77
N ASP A 27 -2.06 1.39 3.52
CA ASP A 27 -3.11 0.38 3.49
C ASP A 27 -3.66 0.17 4.90
N HIS A 28 -2.81 0.46 5.88
CA HIS A 28 -3.19 0.31 7.28
C HIS A 28 -4.14 1.45 7.67
N ASP A 29 -3.80 2.64 7.20
CA ASP A 29 -4.61 3.82 7.49
C ASP A 29 -6.02 3.60 6.97
N LEU A 30 -6.14 3.54 5.65
CA LEU A 30 -7.43 3.34 5.02
C LEU A 30 -7.98 1.97 5.40
N LEU A 31 -7.07 1.13 5.89
CA LEU A 31 -7.45 -0.22 6.30
C LEU A 31 -8.48 -0.78 5.33
N ASP A 32 -7.99 -1.21 4.18
CA ASP A 32 -8.86 -1.77 3.15
C ASP A 32 -8.55 -3.26 3.00
N LYS A 33 -7.43 -3.68 3.57
CA LYS A 33 -7.01 -5.07 3.49
C LYS A 33 -8.24 -5.97 3.64
N ARG A 34 -9.21 -5.47 4.40
CA ARG A 34 -10.43 -6.22 4.62
C ARG A 34 -11.44 -5.95 3.50
N LYS A 35 -12.36 -5.03 3.80
CA LYS A 35 -13.38 -4.67 2.83
C LYS A 35 -13.85 -5.92 2.09
N THR A 36 -13.31 -6.10 0.90
CA THR A 36 -13.68 -7.26 0.09
C THR A 36 -12.78 -7.34 -1.15
N VAL A 37 -13.19 -8.18 -2.09
CA VAL A 37 -12.44 -8.36 -3.32
C VAL A 37 -13.11 -7.57 -4.44
N THR A 38 -12.41 -7.50 -5.57
CA THR A 38 -12.93 -6.78 -6.73
C THR A 38 -13.20 -7.74 -7.88
N ALA A 39 -13.62 -7.17 -9.00
CA ALA A 39 -13.91 -7.96 -10.18
C ALA A 39 -12.60 -8.43 -10.82
N LEU A 40 -12.73 -9.05 -11.98
CA LEU A 40 -11.56 -9.54 -12.71
C LEU A 40 -10.82 -8.37 -13.32
N LYS A 41 -10.33 -7.49 -12.45
CA LYS A 41 -9.58 -6.32 -12.90
C LYS A 41 -8.17 -6.73 -13.29
N ALA A 42 -7.42 -5.76 -13.80
CA ALA A 42 -6.05 -6.01 -14.21
C ALA A 42 -6.03 -7.15 -15.23
N GLY A 43 -4.85 -7.35 -15.81
CA GLY A 43 -4.69 -8.41 -16.80
C GLY A 43 -3.41 -8.20 -17.62
N GLU A 44 -2.29 -8.52 -16.99
CA GLU A 44 -1.00 -8.38 -17.64
C GLU A 44 0.06 -9.19 -16.90
N ASP A 45 0.02 -9.10 -15.58
CA ASP A 45 0.97 -9.83 -14.75
C ASP A 45 0.31 -11.09 -14.21
N MET A 1 7.00 -8.43 -31.70
CA MET A 1 7.94 -8.55 -30.61
C MET A 1 7.60 -7.57 -29.49
N PHE A 2 6.33 -7.52 -29.15
CA PHE A 2 5.86 -6.62 -28.10
C PHE A 2 4.41 -6.92 -27.73
N ILE A 3 4.04 -6.52 -26.52
CA ILE A 3 2.69 -6.74 -26.04
C ILE A 3 1.81 -5.56 -26.45
N TRP A 4 0.76 -5.87 -27.17
CA TRP A 4 -0.17 -4.85 -27.62
C TRP A 4 -1.46 -4.97 -26.83
N THR A 5 -1.74 -6.20 -26.41
CA THR A 5 -2.95 -6.47 -25.63
C THR A 5 -2.64 -6.37 -24.14
N SER A 6 -3.21 -7.31 -23.39
CA SER A 6 -3.01 -7.34 -21.96
C SER A 6 -3.25 -5.95 -21.36
N GLY A 7 -4.46 -5.73 -20.89
CA GLY A 7 -4.82 -4.45 -20.30
C GLY A 7 -3.75 -3.98 -19.31
N ARG A 8 -3.27 -4.92 -18.52
CA ARG A 8 -2.25 -4.62 -17.53
C ARG A 8 -0.88 -4.46 -18.20
N THR A 9 -0.04 -3.66 -17.58
CA THR A 9 1.29 -3.41 -18.11
C THR A 9 2.34 -4.12 -17.26
N SER A 10 3.59 -3.76 -17.50
CA SER A 10 4.69 -4.36 -16.77
C SER A 10 4.35 -4.45 -15.28
N SER A 11 5.11 -5.26 -14.57
CA SER A 11 4.90 -5.44 -13.15
C SER A 11 5.09 -4.10 -12.42
N SER A 12 6.29 -3.91 -11.90
CA SER A 12 6.60 -2.69 -11.18
C SER A 12 5.77 -2.60 -9.91
N TYR A 13 5.11 -3.70 -9.59
CA TYR A 13 4.28 -3.77 -8.40
C TYR A 13 4.81 -4.81 -7.41
N ARG A 14 5.14 -5.98 -7.95
CA ARG A 14 5.65 -7.06 -7.13
C ARG A 14 7.18 -7.06 -7.15
N HIS A 15 7.73 -6.80 -8.32
CA HIS A 15 9.17 -6.76 -8.48
C HIS A 15 9.80 -6.10 -7.25
N ASP A 16 9.54 -4.82 -7.11
CA ASP A 16 10.08 -4.06 -5.98
C ASP A 16 10.03 -4.93 -4.73
N GLU A 17 11.06 -4.78 -3.91
CA GLU A 17 11.15 -5.54 -2.67
C GLU A 17 10.39 -4.83 -1.56
N LYS A 18 11.12 -4.02 -0.81
CA LYS A 18 10.52 -3.27 0.29
C LYS A 18 9.90 -1.99 -0.26
N ARG A 19 10.10 -1.76 -1.54
CA ARG A 19 9.56 -0.58 -2.19
C ARG A 19 8.03 -0.64 -2.22
N ASN A 20 7.51 -1.80 -1.85
CA ASN A 20 6.07 -1.99 -1.84
C ASN A 20 5.56 -1.88 -0.40
N ILE A 21 6.34 -1.19 0.42
CA ILE A 21 5.99 -1.00 1.82
C ILE A 21 5.06 0.21 1.94
N TYR A 22 5.48 1.31 1.33
CA TYR A 22 4.71 2.53 1.36
C TYR A 22 3.23 2.25 1.05
N GLN A 23 3.02 1.36 0.09
CA GLN A 23 1.67 1.00 -0.30
C GLN A 23 1.03 0.10 0.74
N LYS A 24 1.89 -0.61 1.47
CA LYS A 24 1.41 -1.50 2.52
C LYS A 24 0.82 -0.69 3.66
N ILE A 25 1.69 0.03 4.34
CA ILE A 25 1.26 0.86 5.46
C ILE A 25 0.03 1.67 5.05
N ARG A 26 0.13 2.30 3.90
CA ARG A 26 -0.96 3.11 3.39
C ARG A 26 -2.25 2.28 3.33
N ASP A 27 -2.07 0.97 3.20
CA ASP A 27 -3.19 0.07 3.13
C ASP A 27 -3.73 -0.19 4.54
N HIS A 28 -2.87 0.07 5.52
CA HIS A 28 -3.23 -0.12 6.91
C HIS A 28 -3.99 1.11 7.42
N ASP A 29 -3.73 2.24 6.76
CA ASP A 29 -4.38 3.48 7.13
C ASP A 29 -5.79 3.51 6.56
N LEU A 30 -5.97 2.81 5.45
CA LEU A 30 -7.27 2.74 4.80
C LEU A 30 -8.31 2.27 5.80
N LEU A 31 -7.84 1.58 6.83
CA LEU A 31 -8.72 1.07 7.86
C LEU A 31 -8.86 2.11 8.97
N ASP A 32 -8.48 3.34 8.64
CA ASP A 32 -8.57 4.42 9.60
C ASP A 32 -9.99 4.51 10.15
N LYS A 33 -10.92 3.93 9.40
CA LYS A 33 -12.31 3.93 9.80
C LYS A 33 -12.40 3.58 11.29
N ARG A 34 -11.47 2.75 11.74
CA ARG A 34 -11.44 2.34 13.13
C ARG A 34 -10.43 3.19 13.91
N LYS A 35 -10.19 2.78 15.14
CA LYS A 35 -9.26 3.49 16.01
C LYS A 35 -9.86 4.83 16.41
N THR A 36 -9.29 5.41 17.45
CA THR A 36 -9.76 6.69 17.95
C THR A 36 -9.89 7.69 16.80
N VAL A 37 -10.35 8.89 17.14
CA VAL A 37 -10.52 9.94 16.15
C VAL A 37 -9.18 10.20 15.45
N THR A 38 -8.13 10.23 16.26
CA THR A 38 -6.80 10.47 15.74
C THR A 38 -6.81 11.67 14.78
N ALA A 39 -5.66 11.89 14.15
CA ALA A 39 -5.53 12.99 13.21
C ALA A 39 -4.19 12.87 12.47
N LEU A 40 -4.14 13.51 11.32
CA LEU A 40 -2.93 13.48 10.50
C LEU A 40 -2.39 14.90 10.34
N LYS A 41 -1.62 15.33 11.33
CA LYS A 41 -1.05 16.66 11.30
C LYS A 41 -0.33 16.88 9.97
N ALA A 42 0.22 18.08 9.81
CA ALA A 42 0.95 18.41 8.61
C ALA A 42 1.66 19.76 8.80
N GLY A 43 2.95 19.75 8.51
CA GLY A 43 3.76 20.95 8.65
C GLY A 43 4.98 20.90 7.75
N GLU A 44 6.12 20.57 8.35
CA GLU A 44 7.36 20.47 7.61
C GLU A 44 8.42 19.72 8.43
N ASP A 45 8.66 20.24 9.63
CA ASP A 45 9.64 19.63 10.51
C ASP A 45 8.93 18.69 11.49
N MET A 1 5.42 20.55 -18.35
CA MET A 1 5.58 20.17 -19.75
C MET A 1 5.74 18.66 -19.90
N PHE A 2 5.69 18.20 -21.14
CA PHE A 2 5.83 16.79 -21.43
C PHE A 2 4.80 15.97 -20.66
N ILE A 3 4.66 14.72 -21.06
CA ILE A 3 3.72 13.81 -20.42
C ILE A 3 4.45 13.01 -19.35
N TRP A 4 3.91 13.06 -18.14
CA TRP A 4 4.50 12.34 -17.03
C TRP A 4 3.61 11.13 -16.73
N THR A 5 2.36 11.23 -17.15
CA THR A 5 1.41 10.15 -16.94
C THR A 5 1.96 8.84 -17.49
N SER A 6 2.40 8.90 -18.75
CA SER A 6 2.94 7.73 -19.40
C SER A 6 4.44 7.92 -19.66
N GLY A 7 5.18 8.04 -18.58
CA GLY A 7 6.62 8.25 -18.68
C GLY A 7 7.35 7.58 -17.50
N ARG A 8 7.87 6.40 -17.76
CA ARG A 8 8.58 5.65 -16.73
C ARG A 8 9.58 6.56 -16.02
N THR A 9 9.83 6.23 -14.76
CA THR A 9 10.77 7.00 -13.95
C THR A 9 11.96 6.16 -13.55
N SER A 10 12.74 6.68 -12.63
CA SER A 10 13.93 5.97 -12.15
C SER A 10 13.63 4.48 -12.02
N SER A 11 14.66 3.68 -12.26
CA SER A 11 14.53 2.24 -12.17
C SER A 11 14.72 1.77 -10.72
N SER A 12 15.06 2.74 -9.88
CA SER A 12 15.28 2.45 -8.47
C SER A 12 13.97 2.57 -7.70
N TYR A 13 12.91 2.06 -8.31
CA TYR A 13 11.59 2.10 -7.70
C TYR A 13 11.08 0.69 -7.39
N ARG A 14 11.23 -0.19 -8.38
CA ARG A 14 10.79 -1.56 -8.23
C ARG A 14 11.97 -2.45 -7.84
N HIS A 15 13.15 -2.03 -8.24
CA HIS A 15 14.37 -2.77 -7.94
C HIS A 15 14.38 -3.14 -6.45
N ASP A 16 14.01 -2.16 -5.63
CA ASP A 16 13.99 -2.36 -4.19
C ASP A 16 12.69 -3.08 -3.80
N GLU A 17 12.82 -4.01 -2.86
CA GLU A 17 11.67 -4.77 -2.40
C GLU A 17 10.93 -4.00 -1.30
N LYS A 18 11.67 -3.13 -0.63
CA LYS A 18 11.11 -2.33 0.44
C LYS A 18 10.40 -1.12 -0.15
N ARG A 19 10.32 -1.11 -1.47
CA ARG A 19 9.67 -0.01 -2.18
C ARG A 19 8.22 -0.36 -2.49
N ASN A 20 7.86 -1.61 -2.17
CA ASN A 20 6.50 -2.09 -2.41
C ASN A 20 5.83 -2.37 -1.06
N ILE A 21 6.28 -1.64 -0.05
CA ILE A 21 5.73 -1.81 1.29
C ILE A 21 4.90 -0.58 1.66
N TYR A 22 5.38 0.57 1.21
CA TYR A 22 4.71 1.82 1.49
C TYR A 22 3.19 1.67 1.33
N GLN A 23 2.80 1.02 0.24
CA GLN A 23 1.40 0.81 -0.05
C GLN A 23 0.76 -0.02 1.08
N LYS A 24 1.53 -0.98 1.57
CA LYS A 24 1.05 -1.84 2.63
C LYS A 24 0.54 -0.98 3.79
N ILE A 25 1.49 -0.37 4.50
CA ILE A 25 1.17 0.47 5.63
C ILE A 25 0.04 1.42 5.23
N ARG A 26 0.23 2.06 4.09
CA ARG A 26 -0.76 3.00 3.58
C ARG A 26 -2.13 2.33 3.49
N ASP A 27 -2.11 1.02 3.29
CA ASP A 27 -3.33 0.24 3.18
C ASP A 27 -3.89 -0.02 4.58
N HIS A 28 -3.02 0.11 5.57
CA HIS A 28 -3.42 -0.12 6.95
C HIS A 28 -4.02 1.17 7.51
N ASP A 29 -3.81 2.26 6.80
CA ASP A 29 -4.33 3.55 7.22
C ASP A 29 -5.72 3.76 6.62
N LEU A 30 -5.94 3.14 5.47
CA LEU A 30 -7.22 3.24 4.80
C LEU A 30 -8.33 2.80 5.74
N LEU A 31 -7.95 1.99 6.72
CA LEU A 31 -8.90 1.49 7.70
C LEU A 31 -8.89 2.40 8.92
N ASP A 32 -8.35 3.60 8.72
CA ASP A 32 -8.28 4.57 9.80
C ASP A 32 -9.65 4.69 10.47
N LYS A 33 -10.67 4.33 9.72
CA LYS A 33 -12.03 4.39 10.22
C LYS A 33 -12.06 3.85 11.66
N ARG A 34 -11.35 2.75 11.84
CA ARG A 34 -11.28 2.12 13.15
C ARG A 34 -10.25 2.82 14.04
N LYS A 35 -9.92 2.18 15.15
CA LYS A 35 -8.95 2.73 16.08
C LYS A 35 -9.55 3.96 16.76
N THR A 36 -9.55 5.06 16.03
CA THR A 36 -10.08 6.32 16.55
C THR A 36 -11.56 6.14 16.91
N VAL A 37 -12.06 7.10 17.68
CA VAL A 37 -13.45 7.07 18.11
C VAL A 37 -14.10 8.43 17.80
N THR A 38 -15.37 8.54 18.18
CA THR A 38 -16.11 9.77 17.96
C THR A 38 -16.12 10.61 19.23
N ALA A 39 -16.90 11.69 19.19
CA ALA A 39 -17.02 12.59 20.32
C ALA A 39 -18.14 13.59 20.07
N LEU A 40 -18.68 14.13 21.16
CA LEU A 40 -19.76 15.10 21.06
C LEU A 40 -20.73 14.65 19.98
N LYS A 41 -21.29 13.46 20.17
CA LYS A 41 -22.24 12.91 19.21
C LYS A 41 -23.50 13.78 19.21
N ALA A 42 -24.40 13.46 18.28
CA ALA A 42 -25.64 14.20 18.15
C ALA A 42 -26.46 14.03 19.44
N GLY A 43 -26.49 15.09 20.23
CA GLY A 43 -27.24 15.08 21.47
C GLY A 43 -26.74 16.15 22.43
N GLU A 44 -25.71 15.78 23.19
CA GLU A 44 -25.13 16.71 24.15
C GLU A 44 -23.97 16.04 24.90
N ASP A 45 -24.29 14.93 25.55
CA ASP A 45 -23.29 14.20 26.31
C ASP A 45 -22.61 13.19 25.37
N MET A 1 22.11 -7.41 -34.20
CA MET A 1 21.01 -8.13 -33.58
C MET A 1 19.72 -7.31 -33.64
N PHE A 2 18.66 -7.91 -33.10
CA PHE A 2 17.37 -7.24 -33.08
C PHE A 2 17.47 -5.84 -32.47
N ILE A 3 16.31 -5.22 -32.26
CA ILE A 3 16.27 -3.90 -31.69
C ILE A 3 16.27 -4.00 -30.15
N TRP A 4 15.91 -2.89 -29.52
CA TRP A 4 15.86 -2.85 -28.07
C TRP A 4 14.39 -2.78 -27.65
N THR A 5 13.57 -2.31 -28.56
CA THR A 5 12.14 -2.18 -28.30
C THR A 5 11.90 -1.97 -26.81
N SER A 6 11.64 -3.07 -26.12
CA SER A 6 11.38 -3.01 -24.69
C SER A 6 12.56 -3.62 -23.92
N GLY A 7 13.65 -2.88 -23.88
CA GLY A 7 14.85 -3.34 -23.20
C GLY A 7 14.92 -2.75 -21.78
N ARG A 8 13.99 -3.17 -20.94
CA ARG A 8 13.95 -2.71 -19.57
C ARG A 8 15.35 -2.71 -18.96
N THR A 9 15.58 -1.75 -18.08
CA THR A 9 16.87 -1.63 -17.42
C THR A 9 16.76 -2.06 -15.95
N SER A 10 17.80 -1.75 -15.20
CA SER A 10 17.83 -2.09 -13.78
C SER A 10 16.49 -1.78 -13.14
N SER A 11 16.03 -2.71 -12.31
CA SER A 11 14.76 -2.55 -11.63
C SER A 11 14.92 -1.58 -10.46
N SER A 12 15.11 -2.15 -9.28
CA SER A 12 15.28 -1.34 -8.08
C SER A 12 13.95 -0.69 -7.70
N TYR A 13 12.90 -1.10 -8.41
CA TYR A 13 11.58 -0.56 -8.16
C TYR A 13 10.61 -1.68 -7.74
N ARG A 14 10.66 -2.77 -8.48
CA ARG A 14 9.80 -3.91 -8.21
C ARG A 14 10.56 -4.97 -7.41
N HIS A 15 11.87 -5.01 -7.65
CA HIS A 15 12.72 -5.97 -6.97
C HIS A 15 12.64 -5.75 -5.46
N ASP A 16 13.35 -4.73 -5.00
CA ASP A 16 13.36 -4.41 -3.58
C ASP A 16 11.97 -4.63 -2.99
N GLU A 17 11.94 -5.31 -1.86
CA GLU A 17 10.68 -5.59 -1.19
C GLU A 17 10.28 -4.43 -0.29
N LYS A 18 11.29 -3.69 0.17
CA LYS A 18 11.05 -2.55 1.03
C LYS A 18 10.65 -1.35 0.17
N ARG A 19 10.52 -1.60 -1.13
CA ARG A 19 10.15 -0.55 -2.07
C ARG A 19 8.67 -0.66 -2.42
N ASN A 20 8.07 -1.77 -2.03
CA ASN A 20 6.67 -2.01 -2.29
C ASN A 20 5.94 -2.25 -0.97
N ILE A 21 6.36 -1.52 0.05
CA ILE A 21 5.76 -1.65 1.36
C ILE A 21 4.95 -0.39 1.66
N TYR A 22 5.41 0.72 1.11
CA TYR A 22 4.74 1.99 1.32
C TYR A 22 3.26 1.89 0.95
N GLN A 23 3.00 1.26 -0.18
CA GLN A 23 1.64 1.08 -0.65
C GLN A 23 0.88 0.12 0.25
N LYS A 24 1.63 -0.52 1.15
CA LYS A 24 1.04 -1.47 2.08
C LYS A 24 0.51 -0.74 3.31
N ILE A 25 1.44 -0.12 4.03
CA ILE A 25 1.07 0.63 5.23
C ILE A 25 -0.12 1.54 4.92
N ARG A 26 0.02 2.27 3.83
CA ARG A 26 -1.04 3.19 3.42
C ARG A 26 -2.37 2.44 3.29
N ASP A 27 -2.26 1.15 3.03
CA ASP A 27 -3.44 0.31 2.89
C ASP A 27 -3.99 -0.02 4.28
N HIS A 28 -3.13 0.10 5.27
CA HIS A 28 -3.52 -0.17 6.64
C HIS A 28 -4.08 1.09 7.29
N ASP A 29 -3.86 2.21 6.61
CA ASP A 29 -4.33 3.49 7.11
C ASP A 29 -5.84 3.60 6.86
N LEU A 30 -6.29 2.89 5.84
CA LEU A 30 -7.69 2.90 5.47
C LEU A 30 -8.53 2.44 6.67
N LEU A 31 -7.84 1.79 7.61
CA LEU A 31 -8.50 1.30 8.81
C LEU A 31 -8.92 2.48 9.67
N ASP A 32 -9.85 3.26 9.15
CA ASP A 32 -10.35 4.42 9.87
C ASP A 32 -11.80 4.16 10.31
N LYS A 33 -12.45 3.26 9.58
CA LYS A 33 -13.83 2.92 9.88
C LYS A 33 -13.91 2.33 11.30
N ARG A 34 -12.88 1.58 11.65
CA ARG A 34 -12.82 0.96 12.96
C ARG A 34 -11.68 1.58 13.78
N LYS A 35 -10.68 2.06 13.07
CA LYS A 35 -9.53 2.67 13.73
C LYS A 35 -9.08 1.79 14.89
N THR A 36 -9.55 2.15 16.08
CA THR A 36 -9.21 1.41 17.29
C THR A 36 -9.36 -0.09 17.04
N VAL A 37 -8.74 -0.86 17.91
CA VAL A 37 -8.79 -2.32 17.80
C VAL A 37 -9.65 -2.87 18.95
N THR A 38 -9.82 -2.05 19.97
CA THR A 38 -10.61 -2.44 21.12
C THR A 38 -11.82 -3.27 20.68
N ALA A 39 -12.21 -4.20 21.55
CA ALA A 39 -13.35 -5.06 21.26
C ALA A 39 -13.70 -5.85 22.51
N LEU A 40 -14.78 -6.62 22.40
CA LEU A 40 -15.24 -7.43 23.51
C LEU A 40 -15.39 -8.88 23.05
N LYS A 41 -14.25 -9.51 22.80
CA LYS A 41 -14.23 -10.89 22.35
C LYS A 41 -15.08 -11.75 23.30
N ALA A 42 -15.20 -13.02 22.96
CA ALA A 42 -15.98 -13.94 23.77
C ALA A 42 -15.75 -15.37 23.26
N GLY A 43 -16.09 -16.32 24.12
CA GLY A 43 -15.93 -17.72 23.77
C GLY A 43 -14.97 -18.42 24.74
N GLU A 44 -15.54 -19.29 25.56
CA GLU A 44 -14.75 -20.03 26.53
C GLU A 44 -15.58 -21.15 27.15
N ASP A 45 -14.98 -22.34 27.20
CA ASP A 45 -15.64 -23.50 27.76
C ASP A 45 -16.85 -23.86 26.88
N MET A 1 -6.01 2.94 -30.05
CA MET A 1 -6.96 2.44 -29.08
C MET A 1 -6.62 1.00 -28.69
N PHE A 2 -6.61 0.76 -27.38
CA PHE A 2 -6.31 -0.56 -26.86
C PHE A 2 -4.94 -1.05 -27.37
N ILE A 3 -4.43 -2.07 -26.70
CA ILE A 3 -3.15 -2.64 -27.07
C ILE A 3 -3.30 -4.14 -27.29
N TRP A 4 -2.65 -4.63 -28.33
CA TRP A 4 -2.71 -6.05 -28.66
C TRP A 4 -1.34 -6.66 -28.33
N THR A 5 -0.33 -5.81 -28.32
CA THR A 5 1.02 -6.26 -28.03
C THR A 5 1.00 -7.30 -26.92
N SER A 6 0.36 -6.95 -25.82
CA SER A 6 0.26 -7.85 -24.68
C SER A 6 -0.63 -7.23 -23.60
N GLY A 7 -1.81 -7.83 -23.45
CA GLY A 7 -2.76 -7.35 -22.46
C GLY A 7 -2.05 -6.91 -21.17
N ARG A 8 -1.90 -7.86 -20.26
CA ARG A 8 -1.25 -7.59 -19.00
C ARG A 8 0.18 -7.10 -19.24
N THR A 9 0.53 -6.03 -18.53
CA THR A 9 1.86 -5.46 -18.66
C THR A 9 2.85 -6.22 -17.78
N SER A 10 3.95 -5.53 -17.46
CA SER A 10 4.98 -6.13 -16.63
C SER A 10 4.57 -6.04 -15.15
N SER A 11 5.50 -6.46 -14.29
CA SER A 11 5.26 -6.43 -12.85
C SER A 11 5.37 -5.00 -12.33
N SER A 12 6.55 -4.68 -11.82
CA SER A 12 6.80 -3.35 -11.28
C SER A 12 6.03 -3.16 -9.98
N TYR A 13 5.42 -4.24 -9.53
CA TYR A 13 4.64 -4.21 -8.30
C TYR A 13 5.24 -5.14 -7.24
N ARG A 14 5.56 -6.36 -7.69
CA ARG A 14 6.13 -7.35 -6.80
C ARG A 14 7.66 -7.37 -6.93
N HIS A 15 8.12 -7.03 -8.13
CA HIS A 15 9.54 -7.01 -8.40
C HIS A 15 10.26 -6.20 -7.31
N ASP A 16 9.50 -5.33 -6.67
CA ASP A 16 10.04 -4.50 -5.62
C ASP A 16 9.86 -5.20 -4.27
N GLU A 17 10.93 -5.20 -3.48
CA GLU A 17 10.90 -5.84 -2.18
C GLU A 17 10.35 -4.88 -1.13
N LYS A 18 11.25 -4.13 -0.53
CA LYS A 18 10.87 -3.16 0.49
C LYS A 18 10.50 -1.84 -0.18
N ARG A 19 10.26 -1.92 -1.48
CA ARG A 19 9.89 -0.74 -2.26
C ARG A 19 8.38 -0.74 -2.54
N ASN A 20 7.74 -1.83 -2.15
CA ASN A 20 6.31 -1.97 -2.35
C ASN A 20 5.62 -2.11 -0.99
N ILE A 21 6.23 -1.50 0.02
CA ILE A 21 5.68 -1.54 1.36
C ILE A 21 4.93 -0.23 1.64
N TYR A 22 5.39 0.82 1.00
CA TYR A 22 4.78 2.13 1.17
C TYR A 22 3.25 2.03 1.08
N GLN A 23 2.80 1.31 0.07
CA GLN A 23 1.37 1.14 -0.14
C GLN A 23 0.76 0.34 1.01
N LYS A 24 1.62 -0.41 1.70
CA LYS A 24 1.18 -1.22 2.81
C LYS A 24 0.74 -0.31 3.97
N ILE A 25 1.71 0.46 4.45
CA ILE A 25 1.44 1.38 5.55
C ILE A 25 0.14 2.13 5.28
N ARG A 26 0.02 2.63 4.05
CA ARG A 26 -1.17 3.36 3.65
C ARG A 26 -2.39 2.46 3.69
N ASP A 27 -2.16 1.17 3.42
CA ASP A 27 -3.23 0.20 3.43
C ASP A 27 -3.66 -0.07 4.87
N HIS A 28 -2.76 0.24 5.78
CA HIS A 28 -3.02 0.03 7.20
C HIS A 28 -3.82 1.21 7.75
N ASP A 29 -3.89 2.26 6.95
CA ASP A 29 -4.62 3.46 7.34
C ASP A 29 -5.95 3.51 6.61
N LEU A 30 -5.98 2.86 5.45
CA LEU A 30 -7.19 2.82 4.64
C LEU A 30 -8.29 2.07 5.41
N LEU A 31 -7.87 1.41 6.49
CA LEU A 31 -8.80 0.66 7.30
C LEU A 31 -9.08 1.43 8.59
N ASP A 32 -9.02 0.71 9.70
CA ASP A 32 -9.26 1.31 11.00
C ASP A 32 -7.99 1.26 11.84
N LYS A 33 -7.04 0.45 11.36
CA LYS A 33 -5.77 0.30 12.05
C LYS A 33 -5.24 1.68 12.45
N ARG A 34 -5.52 2.65 11.60
CA ARG A 34 -5.08 4.01 11.85
C ARG A 34 -6.19 5.01 11.47
N LYS A 35 -6.43 5.12 10.18
CA LYS A 35 -7.44 6.02 9.67
C LYS A 35 -7.14 7.44 10.15
N THR A 36 -7.76 8.40 9.48
CA THR A 36 -7.56 9.80 9.83
C THR A 36 -8.82 10.61 9.51
N VAL A 37 -8.75 11.90 9.81
CA VAL A 37 -9.87 12.78 9.57
C VAL A 37 -10.00 13.04 8.07
N THR A 38 -11.11 13.65 7.69
CA THR A 38 -11.36 13.96 6.29
C THR A 38 -10.15 14.65 5.67
N ALA A 39 -10.19 14.80 4.35
CA ALA A 39 -9.10 15.43 3.63
C ALA A 39 -9.54 15.65 2.17
N LEU A 40 -8.66 16.33 1.44
CA LEU A 40 -8.93 16.61 0.03
C LEU A 40 -8.03 15.74 -0.84
N LYS A 41 -8.54 14.55 -1.13
CA LYS A 41 -7.79 13.60 -1.95
C LYS A 41 -7.36 14.30 -3.24
N ALA A 42 -6.62 13.56 -4.06
CA ALA A 42 -6.13 14.09 -5.32
C ALA A 42 -5.52 12.95 -6.14
N GLY A 43 -5.83 12.97 -7.43
CA GLY A 43 -5.32 11.95 -8.34
C GLY A 43 -5.45 12.39 -9.80
N GLU A 44 -6.69 12.60 -10.21
CA GLU A 44 -6.98 13.01 -11.56
C GLU A 44 -6.51 11.96 -12.56
N ASP A 45 -7.23 11.88 -13.67
CA ASP A 45 -6.90 10.91 -14.70
C ASP A 45 -6.36 11.65 -15.93
N MET A 1 -6.41 -2.80 -31.73
CA MET A 1 -7.07 -1.68 -31.09
C MET A 1 -8.18 -2.17 -30.14
N PHE A 2 -8.65 -1.25 -29.31
CA PHE A 2 -9.70 -1.57 -28.37
C PHE A 2 -9.52 -2.97 -27.79
N ILE A 3 -8.26 -3.40 -27.73
CA ILE A 3 -7.94 -4.71 -27.21
C ILE A 3 -8.83 -5.02 -26.00
N TRP A 4 -9.33 -6.24 -25.96
CA TRP A 4 -10.20 -6.67 -24.88
C TRP A 4 -9.48 -7.79 -24.13
N THR A 5 -8.87 -8.67 -24.89
CA THR A 5 -8.15 -9.80 -24.32
C THR A 5 -7.34 -9.34 -23.10
N SER A 6 -6.14 -8.88 -23.38
CA SER A 6 -5.26 -8.42 -22.32
C SER A 6 -5.20 -9.45 -21.20
N GLY A 7 -4.17 -10.29 -21.24
CA GLY A 7 -4.00 -11.31 -20.24
C GLY A 7 -3.21 -10.79 -19.04
N ARG A 8 -2.12 -11.49 -18.73
CA ARG A 8 -1.28 -11.09 -17.61
C ARG A 8 -0.41 -9.89 -18.00
N THR A 9 -0.59 -8.81 -17.26
CA THR A 9 0.17 -7.60 -17.52
C THR A 9 1.54 -7.68 -16.84
N SER A 10 2.12 -6.50 -16.60
CA SER A 10 3.42 -6.43 -15.96
C SER A 10 3.26 -6.50 -14.44
N SER A 11 4.40 -6.63 -13.77
CA SER A 11 4.40 -6.71 -12.32
C SER A 11 4.33 -5.30 -11.71
N SER A 12 5.50 -4.78 -11.37
CA SER A 12 5.59 -3.45 -10.79
C SER A 12 5.01 -3.47 -9.37
N TYR A 13 4.70 -4.66 -8.90
CA TYR A 13 4.16 -4.83 -7.57
C TYR A 13 5.08 -5.69 -6.69
N ARG A 14 5.53 -6.79 -7.28
CA ARG A 14 6.42 -7.70 -6.57
C ARG A 14 7.88 -7.43 -6.96
N HIS A 15 8.05 -6.90 -8.17
CA HIS A 15 9.37 -6.60 -8.66
C HIS A 15 10.14 -5.76 -7.63
N ASP A 16 9.37 -5.04 -6.82
CA ASP A 16 9.95 -4.21 -5.79
C ASP A 16 9.98 -4.98 -4.47
N GLU A 17 11.05 -4.78 -3.72
CA GLU A 17 11.21 -5.44 -2.44
C GLU A 17 10.50 -4.65 -1.34
N LYS A 18 11.29 -3.81 -0.67
CA LYS A 18 10.77 -2.98 0.40
C LYS A 18 10.17 -1.70 -0.19
N ARG A 19 10.09 -1.68 -1.51
CA ARG A 19 9.55 -0.53 -2.21
C ARG A 19 8.02 -0.60 -2.25
N ASN A 20 7.51 -1.78 -1.91
CA ASN A 20 6.07 -2.00 -1.91
C ASN A 20 5.56 -1.94 -0.48
N ILE A 21 6.31 -1.23 0.37
CA ILE A 21 5.94 -1.09 1.76
C ILE A 21 5.01 0.12 1.92
N TYR A 22 5.44 1.23 1.34
CA TYR A 22 4.67 2.46 1.40
C TYR A 22 3.19 2.18 1.10
N GLN A 23 2.97 1.32 0.11
CA GLN A 23 1.62 0.98 -0.30
C GLN A 23 0.98 0.05 0.75
N LYS A 24 1.83 -0.68 1.44
CA LYS A 24 1.36 -1.60 2.47
C LYS A 24 0.77 -0.81 3.63
N ILE A 25 1.64 -0.09 4.32
CA ILE A 25 1.20 0.71 5.47
C ILE A 25 -0.03 1.52 5.06
N ARG A 26 0.09 2.20 3.93
CA ARG A 26 -1.01 3.01 3.43
C ARG A 26 -2.29 2.19 3.33
N ASP A 27 -2.10 0.88 3.17
CA ASP A 27 -3.24 -0.02 3.08
C ASP A 27 -3.81 -0.27 4.47
N HIS A 28 -2.99 -0.01 5.47
CA HIS A 28 -3.40 -0.20 6.85
C HIS A 28 -4.03 1.09 7.38
N ASP A 29 -3.69 2.19 6.72
CA ASP A 29 -4.22 3.49 7.11
C ASP A 29 -5.64 3.63 6.57
N LEU A 30 -5.91 2.93 5.48
CA LEU A 30 -7.22 2.98 4.85
C LEU A 30 -8.27 2.58 5.89
N LEU A 31 -7.87 1.72 6.81
CA LEU A 31 -8.76 1.25 7.85
C LEU A 31 -8.61 2.14 9.09
N ASP A 32 -7.98 3.29 8.88
CA ASP A 32 -7.77 4.22 9.97
C ASP A 32 -8.62 5.47 9.75
N LYS A 33 -9.05 5.63 8.50
CA LYS A 33 -9.88 6.78 8.14
C LYS A 33 -10.94 7.00 9.22
N ARG A 34 -11.35 5.88 9.82
CA ARG A 34 -12.36 5.94 10.87
C ARG A 34 -11.72 5.73 12.24
N LYS A 35 -10.58 5.06 12.23
CA LYS A 35 -9.86 4.78 13.46
C LYS A 35 -9.39 6.10 14.06
N THR A 36 -8.38 6.68 13.45
CA THR A 36 -7.82 7.94 13.92
C THR A 36 -7.81 7.98 15.45
N VAL A 37 -7.74 9.19 15.98
CA VAL A 37 -7.71 9.37 17.42
C VAL A 37 -9.14 9.29 17.96
N THR A 38 -9.24 9.41 19.28
CA THR A 38 -10.54 9.34 19.93
C THR A 38 -11.42 8.28 19.27
N ALA A 39 -12.72 8.42 19.50
CA ALA A 39 -13.67 7.48 18.93
C ALA A 39 -13.33 6.06 19.37
N LEU A 40 -14.30 5.18 19.24
CA LEU A 40 -14.12 3.79 19.63
C LEU A 40 -13.36 3.73 20.96
N LYS A 41 -14.13 3.75 22.03
CA LYS A 41 -13.55 3.71 23.37
C LYS A 41 -12.59 2.52 23.46
N ALA A 42 -11.93 2.42 24.60
CA ALA A 42 -10.99 1.34 24.83
C ALA A 42 -10.56 1.33 26.30
N GLY A 43 -9.70 0.38 26.63
CA GLY A 43 -9.22 0.26 28.00
C GLY A 43 -7.71 0.53 28.07
N GLU A 44 -6.94 -0.47 27.67
CA GLU A 44 -5.50 -0.37 27.68
C GLU A 44 -4.85 -1.69 27.26
N ASP A 45 -3.74 -1.58 26.54
CA ASP A 45 -3.03 -2.74 26.07
C ASP A 45 -3.96 -3.59 25.20
N MET A 1 -2.40 13.78 -12.69
CA MET A 1 -2.21 13.58 -14.12
C MET A 1 -1.03 12.65 -14.41
N PHE A 2 -1.30 11.36 -14.32
CA PHE A 2 -0.28 10.36 -14.56
C PHE A 2 -0.44 9.73 -15.95
N ILE A 3 0.40 8.75 -16.22
CA ILE A 3 0.37 8.07 -17.51
C ILE A 3 0.22 6.57 -17.28
N TRP A 4 -0.65 5.96 -18.08
CA TRP A 4 -0.89 4.53 -17.97
C TRP A 4 -0.86 3.95 -19.38
N THR A 5 -0.40 2.70 -19.46
CA THR A 5 -0.32 2.02 -20.73
C THR A 5 -0.08 0.53 -20.53
N SER A 6 -0.90 -0.28 -21.18
CA SER A 6 -0.78 -1.72 -21.07
C SER A 6 -1.07 -2.17 -19.64
N GLY A 7 -2.20 -2.83 -19.47
CA GLY A 7 -2.61 -3.32 -18.17
C GLY A 7 -1.40 -3.84 -17.38
N ARG A 8 -0.76 -4.86 -17.94
CA ARG A 8 0.40 -5.45 -17.31
C ARG A 8 1.56 -4.45 -17.26
N THR A 9 2.20 -4.41 -16.11
CA THR A 9 3.33 -3.50 -15.92
C THR A 9 4.65 -4.28 -15.91
N SER A 10 5.70 -3.57 -15.50
CA SER A 10 7.02 -4.19 -15.43
C SER A 10 7.09 -5.15 -14.24
N SER A 11 8.17 -5.91 -14.21
CA SER A 11 8.37 -6.88 -13.14
C SER A 11 9.03 -6.19 -11.94
N SER A 12 9.37 -4.92 -12.14
CA SER A 12 10.01 -4.14 -11.08
C SER A 12 8.94 -3.47 -10.22
N TYR A 13 7.89 -4.22 -9.93
CA TYR A 13 6.80 -3.71 -9.12
C TYR A 13 6.69 -4.47 -7.81
N ARG A 14 6.76 -5.79 -7.91
CA ARG A 14 6.68 -6.64 -6.73
C ARG A 14 8.07 -7.03 -6.26
N HIS A 15 9.00 -7.07 -7.21
CA HIS A 15 10.37 -7.43 -6.91
C HIS A 15 10.85 -6.64 -5.69
N ASP A 16 10.74 -5.33 -5.79
CA ASP A 16 11.16 -4.45 -4.70
C ASP A 16 10.77 -5.09 -3.37
N GLU A 17 11.68 -4.97 -2.41
CA GLU A 17 11.44 -5.54 -1.09
C GLU A 17 10.67 -4.53 -0.22
N LYS A 18 11.42 -3.67 0.45
CA LYS A 18 10.83 -2.67 1.30
C LYS A 18 10.47 -1.43 0.48
N ARG A 19 10.50 -1.62 -0.84
CA ARG A 19 10.18 -0.54 -1.75
C ARG A 19 8.74 -0.67 -2.26
N ASN A 20 8.15 -1.82 -1.97
CA ASN A 20 6.79 -2.08 -2.38
C ASN A 20 5.91 -2.28 -1.14
N ILE A 21 6.27 -1.57 -0.09
CA ILE A 21 5.52 -1.65 1.16
C ILE A 21 4.80 -0.33 1.41
N TYR A 22 5.37 0.74 0.87
CA TYR A 22 4.79 2.06 1.02
C TYR A 22 3.28 2.03 0.73
N GLN A 23 2.92 1.29 -0.30
CA GLN A 23 1.53 1.16 -0.69
C GLN A 23 0.78 0.26 0.29
N LYS A 24 1.55 -0.58 0.97
CA LYS A 24 0.97 -1.51 1.93
C LYS A 24 0.52 -0.74 3.17
N ILE A 25 1.50 -0.19 3.88
CA ILE A 25 1.22 0.58 5.09
C ILE A 25 -0.03 1.45 4.85
N ARG A 26 0.05 2.25 3.81
CA ARG A 26 -1.05 3.14 3.46
C ARG A 26 -2.39 2.41 3.65
N ASP A 27 -2.51 1.28 2.99
CA ASP A 27 -3.73 0.49 3.07
C ASP A 27 -4.12 0.33 4.55
N HIS A 28 -3.10 0.21 5.39
CA HIS A 28 -3.33 0.05 6.82
C HIS A 28 -4.08 1.27 7.35
N ASP A 29 -3.75 2.42 6.78
CA ASP A 29 -4.39 3.67 7.19
C ASP A 29 -5.88 3.60 6.88
N LEU A 30 -6.19 2.92 5.78
CA LEU A 30 -7.58 2.78 5.37
C LEU A 30 -8.41 2.21 6.53
N LEU A 31 -7.71 1.58 7.46
CA LEU A 31 -8.36 1.00 8.62
C LEU A 31 -8.44 2.04 9.74
N ASP A 32 -8.23 3.29 9.35
CA ASP A 32 -8.27 4.38 10.30
C ASP A 32 -9.65 4.41 10.99
N LYS A 33 -10.61 3.80 10.32
CA LYS A 33 -11.97 3.74 10.86
C LYS A 33 -11.92 3.16 12.27
N ARG A 34 -11.00 2.23 12.48
CA ARG A 34 -10.85 1.60 13.78
C ARG A 34 -10.27 2.60 14.79
N LYS A 35 -9.01 2.94 14.58
CA LYS A 35 -8.33 3.87 15.46
C LYS A 35 -9.24 5.08 15.71
N THR A 36 -9.51 5.80 14.63
CA THR A 36 -10.35 6.99 14.73
C THR A 36 -11.72 6.62 15.30
N VAL A 37 -12.47 7.65 15.66
CA VAL A 37 -13.80 7.45 16.23
C VAL A 37 -14.85 8.00 15.26
N THR A 38 -16.09 7.66 15.55
CA THR A 38 -17.20 8.11 14.72
C THR A 38 -17.07 9.61 14.43
N ALA A 39 -17.98 10.10 13.59
CA ALA A 39 -17.99 11.51 13.23
C ALA A 39 -19.26 11.82 12.45
N LEU A 40 -19.63 13.09 12.48
CA LEU A 40 -20.83 13.54 11.78
C LEU A 40 -20.43 14.54 10.68
N LYS A 41 -19.69 14.02 9.71
CA LYS A 41 -19.25 14.86 8.60
C LYS A 41 -20.44 15.59 7.99
N ALA A 42 -20.16 16.42 7.00
CA ALA A 42 -21.20 17.18 6.33
C ALA A 42 -22.39 16.27 6.05
N GLY A 43 -23.54 16.67 6.55
CA GLY A 43 -24.77 15.91 6.34
C GLY A 43 -24.96 15.56 4.87
N GLU A 44 -25.53 16.51 4.14
CA GLU A 44 -25.78 16.32 2.73
C GLU A 44 -26.43 14.96 2.48
N ASP A 45 -27.75 14.93 2.64
CA ASP A 45 -28.50 13.70 2.44
C ASP A 45 -28.00 12.64 3.42
#